data_3F1S
#
_entry.id   3F1S
#
_cell.length_a   68.562
_cell.length_b   96.514
_cell.length_c   117.077
_cell.angle_alpha   90.00
_cell.angle_beta   90.00
_cell.angle_gamma   90.00
#
_symmetry.space_group_name_H-M   'P 21 21 21'
#
loop_
_entity.id
_entity.type
_entity.pdbx_description
1 polymer 'Protein Z-dependent protease inhibitor'
2 polymer 'Vitamin K-dependent protein Z'
3 non-polymer 'CHLORIDE ION'
4 non-polymer 1,2-ETHANEDIOL
5 non-polymer 'CITRATE ANION'
6 non-polymer 2-acetamido-2-deoxy-beta-D-glucopyranose
7 water water
#
loop_
_entity_poly.entity_id
_entity_poly.type
_entity_poly.pdbx_seq_one_letter_code
_entity_poly.pdbx_strand_id
1 'polypeptide(L)'
;ASEEEKAWLMASRQQLAKETSNFGFSLLRKISMRHDGNMVFSPFGMSLAMTGLMLGATGPTETQIKRGLHLQALKPTKPG
LLPSLFKGLRETLSRNLELGLTQGSFAFIHKDFDVKETFFNLSKRYFDTECVPMNFRNASQAKRLMNHYINKETRGKIPK
LFDEINPETKLILVDYILFKGKWLTPFDPVFTEVDTFHLDKYKTIKVPMMYGAGKFASTFDKNFRCHVLKLPYQGNATML
VVLMEKMGDHLALEDYLTTDLVETWLRNMKTRNMEVFFPKFKLDQKYEMHELLRQMGIRRIFSPFADLSELSATGRNLQV
SRVLQRTVIEVDERGTEAVAGILSEITAYSMPPVIKVDRPFHFMIYEETSGMLLFLGRVVNPTLL
;
A
2 'polypeptide(L)'
;AKNECHPERTDGCQHFCLPGQESYTCSCAQGYRLGEDHKQCVPHDQCACGVLTSEKRAPDLQDLPWQVKLTNSEGKDFCG
GVIIRENFVLTTAKCSLLHRNITVKTYFNRTSQDPLMIKITHVHVHMRYDADAGENDLSLLELEWPIQCPGAGLPVCTPE
KDFAEHLLIPRTRGLLSGWARNGTDLGNSLTTRPVTLVEGEECGQVLNVTVTTRTYCERSSVAAMHWMDGSVVTREHRGS
WFLTGVLGSQPVGGQAHMVLVTKVSRYSLWFKQIMNAHHHHHH
;
B
#
# COMPACT_ATOMS: atom_id res chain seq x y z
N ALA A 1 -11.13 -24.27 -31.45
CA ALA A 1 -10.16 -23.27 -31.97
C ALA A 1 -9.22 -23.88 -33.01
N SER A 2 -8.53 -23.04 -33.77
CA SER A 2 -7.58 -23.49 -34.79
C SER A 2 -6.22 -23.83 -34.15
N GLU A 3 -5.27 -24.26 -34.98
CA GLU A 3 -3.93 -24.65 -34.51
C GLU A 3 -3.15 -23.46 -33.95
N GLU A 4 -3.07 -22.38 -34.74
CA GLU A 4 -2.37 -21.16 -34.31
C GLU A 4 -3.08 -20.44 -33.16
N GLU A 5 -4.40 -20.58 -33.09
CA GLU A 5 -5.20 -19.97 -32.01
C GLU A 5 -5.00 -20.66 -30.66
N LYS A 6 -4.97 -22.00 -30.67
CA LYS A 6 -4.65 -22.77 -29.46
C LYS A 6 -3.24 -22.44 -28.99
N ALA A 7 -2.33 -22.30 -29.95
CA ALA A 7 -0.96 -21.88 -29.67
C ALA A 7 -0.95 -20.54 -28.94
N TRP A 8 -1.71 -19.57 -29.45
CA TRP A 8 -1.80 -18.24 -28.87
C TRP A 8 -2.30 -18.28 -27.43
N LEU A 9 -3.35 -19.06 -27.19
CA LEU A 9 -3.97 -19.17 -25.86
C LEU A 9 -2.98 -19.59 -24.78
N MET A 10 -2.38 -20.77 -24.95
CA MET A 10 -1.43 -21.30 -23.98
C MET A 10 -0.16 -20.43 -23.87
N ALA A 11 0.28 -19.89 -25.00
CA ALA A 11 1.42 -18.96 -25.02
C ALA A 11 1.12 -17.68 -24.21
N SER A 12 -0.13 -17.23 -24.25
CA SER A 12 -0.53 -16.00 -23.57
C SER A 12 -0.88 -16.17 -22.09
N ARG A 13 -0.80 -17.40 -21.57
CA ARG A 13 -1.13 -17.67 -20.17
C ARG A 13 -0.14 -17.02 -19.20
N GLN A 14 1.15 -17.22 -19.44
CA GLN A 14 2.19 -16.58 -18.63
C GLN A 14 2.06 -15.06 -18.66
N GLN A 15 1.86 -14.51 -19.86
CA GLN A 15 1.78 -13.07 -20.02
C GLN A 15 0.57 -12.51 -19.25
N LEU A 16 -0.56 -13.21 -19.32
CA LEU A 16 -1.74 -12.79 -18.58
C LEU A 16 -1.48 -12.78 -17.07
N ALA A 17 -0.81 -13.81 -16.56
CA ALA A 17 -0.48 -13.89 -15.14
C ALA A 17 0.43 -12.76 -14.70
N LYS A 18 1.53 -12.56 -15.42
CA LYS A 18 2.49 -11.50 -15.08
C LYS A 18 1.81 -10.12 -15.01
N GLU A 19 1.01 -9.81 -16.04
CA GLU A 19 0.36 -8.51 -16.11
C GLU A 19 -0.68 -8.33 -15.01
N THR A 20 -1.43 -9.38 -14.70
CA THR A 20 -2.45 -9.35 -13.68
C THR A 20 -1.86 -9.18 -12.26
N SER A 21 -0.64 -9.66 -12.03
CA SER A 21 -0.01 -9.45 -10.74
C SER A 21 0.52 -8.03 -10.62
N ASN A 22 1.00 -7.45 -11.73
CA ASN A 22 1.34 -6.01 -11.74
C ASN A 22 0.10 -5.13 -11.59
N PHE A 23 -1.00 -5.53 -12.21
CA PHE A 23 -2.29 -4.88 -11.99
C PHE A 23 -2.64 -4.95 -10.51
N GLY A 24 -2.44 -6.13 -9.92
CA GLY A 24 -2.68 -6.36 -8.50
C GLY A 24 -1.88 -5.47 -7.58
N PHE A 25 -0.59 -5.34 -7.85
CA PHE A 25 0.29 -4.52 -7.01
C PHE A 25 -0.04 -3.04 -7.16
N SER A 26 -0.48 -2.64 -8.35
CA SER A 26 -0.90 -1.28 -8.57
C SER A 26 -2.18 -0.96 -7.79
N LEU A 27 -3.12 -1.89 -7.78
CA LEU A 27 -4.39 -1.74 -7.05
C LEU A 27 -4.16 -1.76 -5.53
N LEU A 28 -3.21 -2.59 -5.09
CA LEU A 28 -2.79 -2.60 -3.69
C LEU A 28 -2.36 -1.20 -3.24
N ARG A 29 -1.51 -0.55 -4.03
CA ARG A 29 -1.03 0.80 -3.71
C ARG A 29 -2.15 1.84 -3.68
N LYS A 30 -3.22 1.61 -4.44
CA LYS A 30 -4.38 2.52 -4.39
C LYS A 30 -5.17 2.28 -3.12
N ILE A 31 -5.44 1.02 -2.80
CA ILE A 31 -6.17 0.65 -1.58
C ILE A 31 -5.43 1.18 -0.34
N SER A 32 -4.11 1.07 -0.34
CA SER A 32 -3.29 1.51 0.79
C SER A 32 -3.38 3.01 1.09
N MET A 33 -3.70 3.81 0.08
CA MET A 33 -3.91 5.26 0.31
C MET A 33 -5.09 5.56 1.24
N ARG A 34 -6.07 4.67 1.29
CA ARG A 34 -7.24 4.86 2.15
C ARG A 34 -7.24 3.96 3.39
N HIS A 35 -6.44 2.90 3.40
CA HIS A 35 -6.48 1.90 4.47
C HIS A 35 -5.10 1.46 4.93
N ASP A 36 -4.86 1.54 6.25
CA ASP A 36 -3.64 1.09 6.91
C ASP A 36 -3.74 -0.32 7.48
N GLY A 37 -4.96 -0.79 7.71
CA GLY A 37 -5.20 -2.02 8.48
C GLY A 37 -5.17 -3.29 7.66
N ASN A 38 -5.82 -4.33 8.18
CA ASN A 38 -5.92 -5.60 7.47
C ASN A 38 -6.51 -5.37 6.10
N MET A 39 -6.08 -6.19 5.14
CA MET A 39 -6.36 -5.95 3.75
C MET A 39 -6.25 -7.24 2.96
N VAL A 40 -7.25 -7.51 2.13
CA VAL A 40 -7.19 -8.62 1.19
C VAL A 40 -8.14 -8.37 0.02
N PHE A 41 -7.67 -8.67 -1.18
CA PHE A 41 -8.51 -8.68 -2.37
C PHE A 41 -7.92 -9.66 -3.39
N SER A 42 -8.58 -9.80 -4.53
CA SER A 42 -8.19 -10.77 -5.54
C SER A 42 -7.93 -10.08 -6.87
N PRO A 43 -6.65 -9.98 -7.28
CA PRO A 43 -6.31 -9.44 -8.60
C PRO A 43 -6.96 -10.20 -9.76
N PHE A 44 -6.96 -11.53 -9.67
CA PHE A 44 -7.57 -12.36 -10.69
C PHE A 44 -9.08 -12.07 -10.81
N GLY A 45 -9.78 -12.17 -9.69
CA GLY A 45 -11.23 -11.91 -9.64
C GLY A 45 -11.61 -10.54 -10.19
N MET A 46 -10.81 -9.53 -9.88
CA MET A 46 -11.05 -8.18 -10.41
C MET A 46 -10.85 -8.11 -11.92
N SER A 47 -9.76 -8.68 -12.41
CA SER A 47 -9.46 -8.66 -13.83
C SER A 47 -10.51 -9.45 -14.61
N LEU A 48 -10.86 -10.63 -14.09
CA LEU A 48 -11.93 -11.46 -14.66
C LEU A 48 -13.24 -10.66 -14.78
N ALA A 49 -13.65 -10.04 -13.68
CA ALA A 49 -14.90 -9.26 -13.63
C ALA A 49 -14.89 -8.06 -14.57
N MET A 50 -13.79 -7.31 -14.56
CA MET A 50 -13.68 -6.10 -15.39
C MET A 50 -13.53 -6.45 -16.88
N THR A 51 -12.82 -7.53 -17.18
CA THR A 51 -12.69 -8.00 -18.57
C THR A 51 -14.06 -8.36 -19.14
N GLY A 52 -14.96 -8.84 -18.28
CA GLY A 52 -16.33 -9.12 -18.68
C GLY A 52 -17.09 -7.90 -19.19
N LEU A 53 -16.82 -6.73 -18.61
CA LEU A 53 -17.44 -5.50 -19.08
C LEU A 53 -17.03 -5.07 -20.49
N MET A 54 -15.86 -5.52 -20.95
CA MET A 54 -15.41 -5.22 -22.33
C MET A 54 -16.34 -5.79 -23.42
N LEU A 55 -17.04 -6.87 -23.09
CA LEU A 55 -17.99 -7.48 -24.03
C LEU A 55 -18.97 -6.45 -24.59
N GLY A 56 -19.40 -5.50 -23.76
CA GLY A 56 -20.39 -4.51 -24.16
C GLY A 56 -19.81 -3.16 -24.53
N ALA A 57 -18.56 -2.92 -24.15
CA ALA A 57 -17.92 -1.62 -24.34
C ALA A 57 -17.28 -1.50 -25.71
N THR A 58 -17.32 -0.30 -26.27
CA THR A 58 -16.61 0.02 -27.51
C THR A 58 -15.87 1.33 -27.31
N GLY A 59 -14.86 1.58 -28.14
CA GLY A 59 -14.10 2.83 -28.07
C GLY A 59 -13.25 2.91 -26.81
N PRO A 60 -12.93 4.15 -26.37
CA PRO A 60 -12.12 4.35 -25.17
C PRO A 60 -12.69 3.69 -23.91
N THR A 61 -14.01 3.59 -23.82
CA THR A 61 -14.66 2.87 -22.72
C THR A 61 -14.06 1.46 -22.58
N GLU A 62 -13.91 0.78 -23.72
CA GLU A 62 -13.30 -0.55 -23.76
C GLU A 62 -11.80 -0.49 -23.57
N THR A 63 -11.13 0.35 -24.35
CA THR A 63 -9.66 0.44 -24.38
C THR A 63 -9.01 0.77 -23.03
N GLN A 64 -9.65 1.66 -22.27
CA GLN A 64 -9.14 2.03 -20.95
C GLN A 64 -9.14 0.83 -19.99
N ILE A 65 -10.17 0.00 -20.06
CA ILE A 65 -10.26 -1.20 -19.22
C ILE A 65 -9.07 -2.10 -19.51
N LYS A 66 -8.79 -2.30 -20.80
CA LYS A 66 -7.73 -3.17 -21.25
C LYS A 66 -6.36 -2.67 -20.79
N ARG A 67 -6.14 -1.36 -20.90
CA ARG A 67 -4.91 -0.75 -20.38
C ARG A 67 -4.85 -0.82 -18.86
N GLY A 68 -5.97 -0.53 -18.20
CA GLY A 68 -6.01 -0.50 -16.74
C GLY A 68 -5.68 -1.83 -16.09
N LEU A 69 -6.02 -2.92 -16.77
CA LEU A 69 -5.74 -4.27 -16.29
C LEU A 69 -4.36 -4.77 -16.73
N HIS A 70 -3.60 -3.90 -17.42
CA HIS A 70 -2.25 -4.19 -17.92
C HIS A 70 -2.26 -5.21 -19.07
N LEU A 71 -3.37 -5.29 -19.80
CA LEU A 71 -3.57 -6.34 -20.82
C LEU A 71 -3.42 -5.89 -22.27
N GLN A 72 -3.03 -4.63 -22.49
CA GLN A 72 -2.99 -4.07 -23.84
C GLN A 72 -1.97 -4.74 -24.79
N ALA A 73 -0.93 -5.37 -24.25
CA ALA A 73 0.08 -6.02 -25.08
C ALA A 73 -0.41 -7.32 -25.75
N LEU A 74 -1.46 -7.91 -25.19
CA LEU A 74 -2.07 -9.12 -25.78
C LEU A 74 -2.89 -8.74 -27.02
N LYS A 75 -2.46 -9.23 -28.18
CA LYS A 75 -3.13 -8.94 -29.46
C LYS A 75 -3.63 -10.24 -30.10
N PRO A 76 -4.90 -10.60 -29.83
CA PRO A 76 -5.47 -11.84 -30.35
C PRO A 76 -6.03 -11.69 -31.78
N THR A 77 -5.91 -12.76 -32.57
CA THR A 77 -6.43 -12.78 -33.95
C THR A 77 -7.95 -12.55 -33.98
N LYS A 78 -8.66 -13.15 -33.03
CA LYS A 78 -10.08 -12.88 -32.85
C LYS A 78 -10.26 -12.21 -31.49
N PRO A 79 -11.10 -11.16 -31.42
CA PRO A 79 -11.39 -10.50 -30.13
C PRO A 79 -11.79 -11.46 -29.01
N GLY A 80 -12.54 -12.51 -29.36
CA GLY A 80 -13.04 -13.47 -28.39
C GLY A 80 -12.03 -14.42 -27.77
N LEU A 81 -10.77 -14.34 -28.19
CA LEU A 81 -9.72 -15.18 -27.62
C LEU A 81 -9.27 -14.71 -26.23
N LEU A 82 -9.47 -13.43 -25.93
CA LEU A 82 -9.13 -12.90 -24.61
C LEU A 82 -10.10 -13.45 -23.53
N PRO A 83 -11.43 -13.40 -23.79
CA PRO A 83 -12.36 -14.06 -22.89
C PRO A 83 -12.14 -15.58 -22.74
N SER A 84 -11.73 -16.24 -23.82
CA SER A 84 -11.46 -17.68 -23.74
C SER A 84 -10.24 -17.97 -22.86
N LEU A 85 -9.24 -17.07 -22.87
CA LEU A 85 -8.15 -17.13 -21.90
C LEU A 85 -8.69 -17.20 -20.47
N PHE A 86 -9.57 -16.28 -20.11
CA PHE A 86 -10.16 -16.25 -18.77
C PHE A 86 -11.05 -17.47 -18.47
N LYS A 87 -11.77 -17.96 -19.48
CA LYS A 87 -12.65 -19.11 -19.31
C LYS A 87 -11.84 -20.36 -18.93
N GLY A 88 -10.73 -20.57 -19.63
CA GLY A 88 -9.87 -21.72 -19.38
C GLY A 88 -9.33 -21.73 -17.97
N LEU A 89 -8.80 -20.58 -17.55
CA LEU A 89 -8.12 -20.46 -16.25
C LEU A 89 -9.06 -20.61 -15.05
N ARG A 90 -10.24 -20.01 -15.12
CA ARG A 90 -11.18 -20.07 -14.00
C ARG A 90 -11.82 -21.46 -13.85
N GLU A 91 -11.98 -22.15 -14.97
CA GLU A 91 -12.49 -23.52 -14.95
C GLU A 91 -11.50 -24.49 -14.31
N THR A 92 -10.21 -24.26 -14.53
CA THR A 92 -9.17 -25.10 -13.90
C THR A 92 -9.15 -24.89 -12.38
N LEU A 93 -9.32 -23.64 -11.95
CA LEU A 93 -9.47 -23.33 -10.52
C LEU A 93 -10.71 -24.01 -9.92
N SER A 94 -11.80 -24.05 -10.70
CA SER A 94 -13.03 -24.72 -10.29
C SER A 94 -12.84 -26.22 -10.14
N ARG A 95 -12.31 -26.84 -11.19
CA ARG A 95 -12.12 -28.31 -11.21
C ARG A 95 -11.28 -28.83 -10.05
N ASN A 96 -10.41 -27.99 -9.50
CA ASN A 96 -9.64 -28.37 -8.32
C ASN A 96 -10.52 -28.50 -7.08
N LEU A 97 -11.08 -29.70 -6.90
CA LEU A 97 -11.81 -30.05 -5.68
C LEU A 97 -10.92 -29.85 -4.46
N GLU A 98 -9.64 -30.19 -4.61
CA GLU A 98 -8.65 -30.05 -3.54
C GLU A 98 -8.50 -28.60 -3.09
N LEU A 99 -8.61 -27.67 -4.04
CA LEU A 99 -8.59 -26.25 -3.74
C LEU A 99 -9.95 -25.83 -3.20
N GLY A 100 -9.97 -25.27 -1.98
CA GLY A 100 -11.22 -24.86 -1.31
C GLY A 100 -11.63 -23.44 -1.67
N LEU A 101 -11.86 -23.21 -2.96
CA LEU A 101 -12.14 -21.88 -3.49
C LEU A 101 -13.60 -21.76 -3.94
N THR A 102 -14.21 -20.64 -3.59
CA THR A 102 -15.55 -20.28 -4.08
C THR A 102 -15.44 -18.90 -4.71
N GLN A 103 -15.88 -18.77 -5.95
CA GLN A 103 -15.79 -17.51 -6.67
C GLN A 103 -16.94 -17.32 -7.65
N GLY A 104 -17.35 -16.06 -7.80
CA GLY A 104 -18.38 -15.72 -8.76
C GLY A 104 -18.56 -14.22 -8.85
N SER A 105 -19.34 -13.82 -9.85
CA SER A 105 -19.64 -12.41 -10.05
C SER A 105 -21.05 -12.20 -10.55
N PHE A 106 -21.60 -11.02 -10.26
CA PHE A 106 -22.93 -10.63 -10.74
C PHE A 106 -22.87 -9.25 -11.39
N ALA A 107 -23.71 -9.06 -12.41
CA ALA A 107 -23.95 -7.75 -13.02
C ALA A 107 -25.41 -7.40 -12.80
N PHE A 108 -25.67 -6.53 -11.82
CA PHE A 108 -27.03 -6.11 -11.53
C PHE A 108 -27.39 -4.88 -12.37
N ILE A 109 -28.30 -5.08 -13.33
CA ILE A 109 -28.57 -4.09 -14.37
C ILE A 109 -29.98 -3.54 -14.23
N HIS A 110 -30.12 -2.23 -14.29
CA HIS A 110 -31.43 -1.58 -14.15
C HIS A 110 -32.41 -2.09 -15.21
N LYS A 111 -33.66 -2.30 -14.80
CA LYS A 111 -34.67 -2.96 -15.67
C LYS A 111 -35.07 -2.19 -16.93
N ASP A 112 -34.75 -0.89 -16.99
CA ASP A 112 -34.92 -0.10 -18.21
C ASP A 112 -34.14 -0.67 -19.39
N PHE A 113 -32.94 -1.17 -19.10
CA PHE A 113 -32.00 -1.56 -20.16
C PHE A 113 -32.27 -2.96 -20.69
N ASP A 114 -32.56 -3.04 -21.98
CA ASP A 114 -32.74 -4.32 -22.67
C ASP A 114 -31.38 -4.98 -22.89
N VAL A 115 -30.99 -5.88 -21.99
CA VAL A 115 -29.71 -6.56 -22.12
C VAL A 115 -29.75 -7.54 -23.29
N LYS A 116 -28.84 -7.35 -24.25
CA LYS A 116 -28.76 -8.24 -25.40
C LYS A 116 -28.27 -9.62 -24.93
N GLU A 117 -28.82 -10.67 -25.52
CA GLU A 117 -28.51 -12.03 -25.09
C GLU A 117 -27.07 -12.46 -25.44
N THR A 118 -26.50 -11.88 -26.48
CA THR A 118 -25.08 -12.10 -26.81
C THR A 118 -24.20 -11.78 -25.59
N PHE A 119 -24.35 -10.58 -25.05
CA PHE A 119 -23.66 -10.21 -23.81
C PHE A 119 -24.08 -11.14 -22.66
N PHE A 120 -25.38 -11.39 -22.56
CA PHE A 120 -25.92 -12.20 -21.45
C PHE A 120 -25.28 -13.59 -21.39
N ASN A 121 -25.26 -14.29 -22.51
CA ASN A 121 -24.72 -15.65 -22.56
C ASN A 121 -23.20 -15.66 -22.52
N LEU A 122 -22.57 -14.74 -23.25
CA LEU A 122 -21.11 -14.71 -23.31
C LEU A 122 -20.49 -14.33 -21.96
N SER A 123 -21.15 -13.44 -21.22
CA SER A 123 -20.67 -13.06 -19.89
C SER A 123 -20.75 -14.22 -18.90
N LYS A 124 -21.79 -15.04 -19.03
CA LYS A 124 -21.94 -16.21 -18.18
C LYS A 124 -20.96 -17.29 -18.62
N ARG A 125 -20.98 -17.61 -19.91
CA ARG A 125 -20.17 -18.71 -20.44
C ARG A 125 -18.66 -18.50 -20.32
N TYR A 126 -18.19 -17.26 -20.55
CA TYR A 126 -16.75 -16.96 -20.51
C TYR A 126 -16.27 -16.57 -19.12
N PHE A 127 -17.01 -15.68 -18.45
CA PHE A 127 -16.58 -15.12 -17.16
C PHE A 127 -17.42 -15.59 -15.97
N ASP A 128 -18.46 -16.39 -16.24
CA ASP A 128 -19.42 -16.78 -15.21
C ASP A 128 -20.00 -15.60 -14.42
N THR A 129 -20.13 -14.45 -15.09
CA THR A 129 -20.83 -13.30 -14.53
C THR A 129 -22.30 -13.46 -14.87
N GLU A 130 -23.13 -13.52 -13.85
CA GLU A 130 -24.57 -13.60 -14.03
C GLU A 130 -25.17 -12.20 -14.14
N CYS A 131 -25.78 -11.90 -15.28
CA CYS A 131 -26.53 -10.66 -15.44
C CYS A 131 -27.93 -10.85 -14.88
N VAL A 132 -28.29 -9.98 -13.94
CA VAL A 132 -29.59 -10.05 -13.30
C VAL A 132 -30.24 -8.67 -13.36
N PRO A 133 -31.34 -8.55 -14.11
CA PRO A 133 -32.10 -7.29 -14.10
C PRO A 133 -32.58 -6.93 -12.69
N MET A 134 -32.53 -5.65 -12.35
CA MET A 134 -32.96 -5.18 -11.03
C MET A 134 -33.71 -3.87 -11.13
N ASN A 135 -34.76 -3.72 -10.33
CA ASN A 135 -35.43 -2.44 -10.17
C ASN A 135 -34.84 -1.69 -8.98
N PHE A 136 -33.87 -0.82 -9.26
CA PHE A 136 -33.20 -0.04 -8.22
C PHE A 136 -34.08 1.08 -7.67
N ARG A 137 -35.11 1.49 -8.42
CA ARG A 137 -36.02 2.55 -7.95
C ARG A 137 -36.72 2.14 -6.65
N ASN A 138 -37.09 0.87 -6.53
CA ASN A 138 -37.45 0.30 -5.24
C ASN A 138 -36.16 -0.22 -4.59
N ALA A 139 -35.47 0.68 -3.90
CA ALA A 139 -34.10 0.45 -3.42
C ALA A 139 -34.01 -0.66 -2.38
N SER A 140 -34.96 -0.66 -1.44
CA SER A 140 -34.99 -1.63 -0.35
C SER A 140 -35.25 -3.04 -0.85
N GLN A 141 -36.05 -3.16 -1.91
CA GLN A 141 -36.32 -4.47 -2.50
C GLN A 141 -35.08 -4.95 -3.27
N ALA A 142 -34.50 -4.07 -4.08
CA ALA A 142 -33.27 -4.41 -4.80
C ALA A 142 -32.19 -4.90 -3.83
N LYS A 143 -32.06 -4.24 -2.70
CA LYS A 143 -31.11 -4.64 -1.65
C LYS A 143 -31.37 -6.07 -1.17
N ARG A 144 -32.62 -6.37 -0.84
CA ARG A 144 -32.98 -7.72 -0.36
C ARG A 144 -32.77 -8.80 -1.43
N LEU A 145 -33.13 -8.48 -2.68
CA LEU A 145 -33.01 -9.44 -3.78
C LEU A 145 -31.56 -9.68 -4.14
N MET A 146 -30.79 -8.61 -4.34
CA MET A 146 -29.37 -8.75 -4.62
C MET A 146 -28.64 -9.53 -3.53
N ASN A 147 -28.99 -9.24 -2.27
CA ASN A 147 -28.38 -9.93 -1.13
C ASN A 147 -28.77 -11.39 -1.09
N HIS A 148 -29.98 -11.70 -1.56
CA HIS A 148 -30.43 -13.08 -1.69
C HIS A 148 -29.55 -13.87 -2.66
N TYR A 149 -29.28 -13.29 -3.83
CA TYR A 149 -28.48 -13.98 -4.86
C TYR A 149 -27.09 -14.30 -4.33
N ILE A 150 -26.43 -13.32 -3.73
CA ILE A 150 -25.10 -13.50 -3.19
C ILE A 150 -25.13 -14.47 -2.00
N ASN A 151 -26.19 -14.42 -1.20
CA ASN A 151 -26.39 -15.35 -0.10
C ASN A 151 -26.39 -16.79 -0.61
N LYS A 152 -27.17 -17.04 -1.66
CA LYS A 152 -27.30 -18.37 -2.26
C LYS A 152 -25.96 -18.91 -2.73
N GLU A 153 -25.28 -18.15 -3.57
CA GLU A 153 -24.02 -18.58 -4.19
C GLU A 153 -22.87 -18.79 -3.19
N THR A 154 -22.86 -18.00 -2.11
CA THR A 154 -21.85 -18.14 -1.07
C THR A 154 -22.28 -19.11 0.03
N ARG A 155 -23.44 -19.74 -0.12
CA ARG A 155 -24.01 -20.65 0.90
C ARG A 155 -24.05 -20.01 2.29
N GLY A 156 -24.47 -18.75 2.35
CA GLY A 156 -24.66 -18.05 3.61
C GLY A 156 -23.42 -17.44 4.24
N LYS A 157 -22.27 -17.59 3.59
CA LYS A 157 -21.02 -17.05 4.12
C LYS A 157 -20.91 -15.54 3.91
N ILE A 158 -21.61 -15.04 2.89
CA ILE A 158 -21.81 -13.59 2.72
C ILE A 158 -23.31 -13.33 2.63
N PRO A 159 -23.96 -13.15 3.79
CA PRO A 159 -25.42 -13.10 3.85
C PRO A 159 -26.03 -11.75 3.48
N LYS A 160 -25.31 -10.65 3.73
CA LYS A 160 -25.80 -9.31 3.36
C LYS A 160 -24.68 -8.43 2.81
N LEU A 161 -24.27 -8.69 1.58
CA LEU A 161 -23.22 -7.89 0.93
C LEU A 161 -23.55 -6.40 0.90
N PHE A 162 -24.80 -6.08 0.57
CA PHE A 162 -25.21 -4.69 0.36
C PHE A 162 -25.89 -4.08 1.57
N ASP A 163 -25.49 -2.86 1.91
CA ASP A 163 -26.11 -2.09 3.00
C ASP A 163 -26.97 -0.96 2.49
N GLU A 164 -26.66 -0.45 1.30
CA GLU A 164 -27.34 0.73 0.79
C GLU A 164 -27.42 0.66 -0.73
N ILE A 165 -28.53 1.14 -1.28
CA ILE A 165 -28.70 1.17 -2.71
C ILE A 165 -29.25 2.53 -3.13
N ASN A 166 -28.54 3.17 -4.06
CA ASN A 166 -29.01 4.41 -4.64
C ASN A 166 -30.10 4.06 -5.67
N PRO A 167 -31.30 4.63 -5.53
CA PRO A 167 -32.35 4.33 -6.52
C PRO A 167 -32.07 4.85 -7.94
N GLU A 168 -31.01 5.65 -8.08
CA GLU A 168 -30.58 6.18 -9.37
C GLU A 168 -29.64 5.21 -10.10
N THR A 169 -29.29 4.11 -9.43
CA THR A 169 -28.29 3.15 -9.91
C THR A 169 -28.61 2.62 -11.32
N LYS A 170 -27.57 2.44 -12.12
CA LYS A 170 -27.71 1.94 -13.49
C LYS A 170 -27.21 0.50 -13.60
N LEU A 171 -25.98 0.27 -13.10
CA LEU A 171 -25.36 -1.04 -13.14
C LEU A 171 -24.42 -1.19 -11.94
N ILE A 172 -24.56 -2.31 -11.22
CA ILE A 172 -23.62 -2.66 -10.15
C ILE A 172 -22.95 -4.00 -10.48
N LEU A 173 -21.61 -4.00 -10.47
CA LEU A 173 -20.82 -5.21 -10.72
C LEU A 173 -20.29 -5.70 -9.38
N VAL A 174 -20.52 -6.97 -9.08
CA VAL A 174 -20.09 -7.60 -7.83
C VAL A 174 -19.18 -8.78 -8.11
N ASP A 175 -18.02 -8.80 -7.48
CA ASP A 175 -17.15 -9.97 -7.51
C ASP A 175 -16.92 -10.44 -6.07
N TYR A 176 -17.20 -11.70 -5.80
CA TYR A 176 -16.97 -12.29 -4.48
C TYR A 176 -16.04 -13.48 -4.62
N ILE A 177 -15.21 -13.70 -3.61
CA ILE A 177 -14.32 -14.85 -3.60
C ILE A 177 -13.95 -15.25 -2.17
N LEU A 178 -14.12 -16.55 -1.88
CA LEU A 178 -13.92 -17.09 -0.54
C LEU A 178 -12.97 -18.28 -0.61
N PHE A 179 -12.02 -18.31 0.31
CA PHE A 179 -10.98 -19.34 0.28
C PHE A 179 -10.49 -19.75 1.67
N LYS A 180 -10.47 -21.06 1.89
CA LYS A 180 -9.75 -21.68 3.00
C LYS A 180 -9.07 -22.94 2.44
N GLY A 181 -7.74 -22.95 2.45
CA GLY A 181 -6.98 -24.07 1.87
C GLY A 181 -6.48 -25.09 2.87
N LYS A 182 -5.94 -26.18 2.35
CA LYS A 182 -5.26 -27.19 3.17
C LYS A 182 -3.78 -27.19 2.85
N TRP A 183 -2.95 -27.03 3.88
CA TRP A 183 -1.49 -26.98 3.68
C TRP A 183 -0.95 -28.33 3.22
N LEU A 184 0.17 -28.33 2.50
CA LEU A 184 0.84 -29.58 2.11
C LEU A 184 1.50 -30.25 3.32
N THR A 185 2.07 -29.44 4.20
CA THR A 185 2.50 -29.94 5.51
C THR A 185 1.75 -29.14 6.58
N PRO A 186 0.89 -29.83 7.35
CA PRO A 186 0.05 -29.16 8.34
C PRO A 186 0.84 -28.69 9.57
N PHE A 187 0.25 -27.75 10.29
CA PHE A 187 0.74 -27.37 11.61
C PHE A 187 0.05 -28.30 12.61
N ASP A 188 0.73 -28.61 13.70
CA ASP A 188 0.20 -29.50 14.71
C ASP A 188 -0.52 -28.64 15.76
N PRO A 189 -1.85 -28.77 15.85
CA PRO A 189 -2.62 -27.94 16.78
C PRO A 189 -2.23 -28.13 18.25
N VAL A 190 -1.60 -29.25 18.59
CA VAL A 190 -1.08 -29.45 19.93
C VAL A 190 0.00 -28.42 20.29
N PHE A 191 0.69 -27.90 19.29
CA PHE A 191 1.72 -26.89 19.49
C PHE A 191 1.28 -25.45 19.20
N THR A 192 0.02 -25.27 18.81
CA THR A 192 -0.54 -23.93 18.66
C THR A 192 -0.70 -23.34 20.05
N GLU A 193 -0.05 -22.21 20.31
CA GLU A 193 -0.18 -21.55 21.60
C GLU A 193 -0.33 -20.04 21.46
N VAL A 194 -0.80 -19.42 22.54
CA VAL A 194 -1.01 -17.98 22.58
C VAL A 194 0.35 -17.28 22.75
N ASP A 195 0.76 -16.56 21.71
CA ASP A 195 2.03 -15.83 21.72
C ASP A 195 1.74 -14.35 21.55
N THR A 196 2.76 -13.53 21.80
CA THR A 196 2.63 -12.10 21.64
C THR A 196 2.79 -11.73 20.16
N PHE A 197 2.05 -10.70 19.74
CA PHE A 197 2.13 -10.19 18.39
C PHE A 197 2.27 -8.68 18.51
N HIS A 198 3.24 -8.12 17.80
CA HIS A 198 3.52 -6.70 17.86
C HIS A 198 2.71 -5.97 16.80
N LEU A 199 1.59 -5.39 17.19
CA LEU A 199 0.82 -4.53 16.28
C LEU A 199 1.72 -3.40 15.78
N ASP A 200 2.55 -2.88 16.68
CA ASP A 200 3.63 -1.97 16.32
C ASP A 200 4.67 -1.97 17.45
N LYS A 201 5.69 -1.13 17.34
CA LYS A 201 6.77 -1.12 18.31
C LYS A 201 6.34 -0.71 19.73
N TYR A 202 5.17 -0.07 19.86
CA TYR A 202 4.65 0.37 21.16
C TYR A 202 3.35 -0.31 21.58
N LYS A 203 2.95 -1.36 20.87
CA LYS A 203 1.64 -1.99 21.12
C LYS A 203 1.68 -3.49 20.83
N THR A 204 1.33 -4.28 21.84
CA THR A 204 1.32 -5.74 21.72
C THR A 204 -0.07 -6.31 21.96
N ILE A 205 -0.31 -7.50 21.43
CA ILE A 205 -1.56 -8.23 21.67
C ILE A 205 -1.24 -9.72 21.67
N LYS A 206 -2.08 -10.52 22.33
CA LYS A 206 -1.92 -11.97 22.36
C LYS A 206 -2.72 -12.60 21.23
N VAL A 207 -2.10 -13.53 20.49
CA VAL A 207 -2.77 -14.22 19.38
C VAL A 207 -2.42 -15.71 19.37
N PRO A 208 -3.33 -16.55 18.85
CA PRO A 208 -2.99 -17.96 18.61
C PRO A 208 -1.92 -18.10 17.54
N MET A 209 -0.84 -18.79 17.87
CA MET A 209 0.31 -18.91 16.97
C MET A 209 0.53 -20.38 16.62
N MET A 210 0.51 -20.71 15.34
CA MET A 210 0.69 -22.07 14.88
C MET A 210 2.18 -22.39 14.77
N TYR A 211 2.52 -23.67 14.94
CA TYR A 211 3.91 -24.12 14.88
C TYR A 211 4.05 -25.20 13.82
N GLY A 212 5.07 -25.04 12.97
CA GLY A 212 5.32 -25.96 11.87
C GLY A 212 6.79 -26.33 11.83
N ALA A 213 7.06 -27.61 11.63
CA ALA A 213 8.43 -28.13 11.55
C ALA A 213 8.60 -28.97 10.30
N GLY A 214 9.68 -28.70 9.56
CA GLY A 214 10.02 -29.50 8.37
C GLY A 214 10.71 -28.70 7.29
N LYS A 215 10.70 -29.25 6.08
CA LYS A 215 11.33 -28.60 4.94
C LYS A 215 10.46 -27.48 4.41
N PHE A 216 11.00 -26.27 4.39
CA PHE A 216 10.32 -25.11 3.84
C PHE A 216 11.28 -24.32 2.94
N ALA A 217 10.74 -23.76 1.86
CA ALA A 217 11.52 -22.91 0.96
C ALA A 217 11.41 -21.46 1.43
N SER A 218 12.53 -20.76 1.47
CA SER A 218 12.54 -19.35 1.84
C SER A 218 13.77 -18.64 1.32
N THR A 219 13.75 -17.32 1.40
CA THR A 219 14.90 -16.48 1.03
C THR A 219 14.84 -15.17 1.78
N PHE A 220 15.95 -14.44 1.73
CA PHE A 220 16.07 -13.17 2.42
C PHE A 220 16.58 -12.09 1.48
N ASP A 221 15.76 -11.09 1.19
CA ASP A 221 16.17 -9.97 0.36
C ASP A 221 17.07 -9.05 1.18
N LYS A 222 18.35 -8.97 0.79
CA LYS A 222 19.33 -8.17 1.51
C LYS A 222 19.16 -6.67 1.25
N ASN A 223 18.53 -6.32 0.13
CA ASN A 223 18.26 -4.92 -0.20
C ASN A 223 17.12 -4.37 0.68
N PHE A 224 15.92 -4.93 0.52
CA PHE A 224 14.75 -4.45 1.25
C PHE A 224 14.66 -4.98 2.68
N ARG A 225 15.51 -5.92 3.06
CA ARG A 225 15.55 -6.42 4.44
C ARG A 225 14.29 -7.18 4.83
N CYS A 226 13.84 -8.11 3.98
CA CYS A 226 12.62 -8.87 4.28
C CYS A 226 12.81 -10.35 3.97
N HIS A 227 12.13 -11.20 4.77
CA HIS A 227 12.14 -12.63 4.56
C HIS A 227 10.93 -12.99 3.71
N VAL A 228 11.11 -13.94 2.80
CA VAL A 228 10.03 -14.44 1.96
C VAL A 228 9.93 -15.96 2.10
N LEU A 229 8.77 -16.42 2.56
CA LEU A 229 8.56 -17.82 2.91
C LEU A 229 7.42 -18.40 2.09
N LYS A 230 7.66 -19.57 1.51
CA LYS A 230 6.65 -20.29 0.75
C LYS A 230 5.90 -21.27 1.66
N LEU A 231 4.58 -21.13 1.69
CA LEU A 231 3.71 -22.09 2.36
C LEU A 231 2.79 -22.73 1.32
N PRO A 232 3.18 -23.91 0.80
CA PRO A 232 2.39 -24.54 -0.27
C PRO A 232 1.07 -25.14 0.20
N TYR A 233 0.05 -25.03 -0.65
CA TYR A 233 -1.25 -25.65 -0.42
C TYR A 233 -1.44 -26.90 -1.28
N GLN A 234 -2.39 -27.75 -0.87
CA GLN A 234 -2.92 -28.80 -1.74
C GLN A 234 -3.71 -28.10 -2.86
N GLY A 235 -3.76 -28.72 -4.03
CA GLY A 235 -4.48 -28.16 -5.18
C GLY A 235 -3.65 -27.19 -6.00
N ASN A 236 -2.33 -27.32 -5.91
CA ASN A 236 -1.41 -26.59 -6.77
C ASN A 236 -1.44 -25.07 -6.57
N ALA A 237 -1.48 -24.63 -5.31
CA ALA A 237 -1.42 -23.20 -4.95
C ALA A 237 -0.45 -22.97 -3.80
N THR A 238 0.08 -21.76 -3.70
CA THR A 238 1.09 -21.43 -2.67
C THR A 238 0.90 -20.04 -2.10
N MET A 239 1.06 -19.92 -0.79
CA MET A 239 1.11 -18.61 -0.14
C MET A 239 2.56 -18.22 0.03
N LEU A 240 2.90 -17.03 -0.47
CA LEU A 240 4.17 -16.41 -0.15
C LEU A 240 3.89 -15.47 1.02
N VAL A 241 4.73 -15.55 2.05
CA VAL A 241 4.61 -14.67 3.22
C VAL A 241 5.84 -13.78 3.25
N VAL A 242 5.61 -12.47 3.31
CA VAL A 242 6.69 -11.51 3.24
C VAL A 242 6.78 -10.80 4.58
N LEU A 243 7.90 -11.01 5.27
CA LEU A 243 8.10 -10.46 6.59
C LEU A 243 9.31 -9.53 6.63
N MET A 244 9.03 -8.27 6.92
CA MET A 244 10.05 -7.22 7.00
C MET A 244 10.86 -7.38 8.28
N GLU A 245 12.14 -7.02 8.22
CA GLU A 245 13.02 -7.05 9.39
C GLU A 245 12.52 -6.07 10.45
N LYS A 246 12.82 -6.37 11.70
CA LYS A 246 12.09 -5.78 12.86
C LYS A 246 11.86 -4.27 12.85
N MET A 247 12.88 -3.48 12.50
CA MET A 247 12.79 -2.02 12.52
C MET A 247 12.24 -1.41 11.23
N GLY A 248 11.61 -2.22 10.38
CA GLY A 248 11.19 -1.79 9.05
C GLY A 248 9.71 -1.54 8.92
N ASP A 249 9.34 -0.85 7.84
CA ASP A 249 7.98 -0.43 7.59
C ASP A 249 7.40 -1.36 6.52
N HIS A 250 6.53 -2.28 6.93
CA HIS A 250 5.85 -3.17 5.99
C HIS A 250 5.14 -2.40 4.88
N LEU A 251 4.54 -1.26 5.23
CA LEU A 251 3.85 -0.43 4.24
C LEU A 251 4.80 0.16 3.19
N ALA A 252 6.05 0.40 3.57
CA ALA A 252 7.04 0.99 2.68
C ALA A 252 7.37 0.11 1.46
N LEU A 253 7.30 -1.21 1.65
CA LEU A 253 7.67 -2.16 0.60
C LEU A 253 6.70 -2.14 -0.58
N GLU A 254 5.46 -1.77 -0.31
CA GLU A 254 4.39 -1.80 -1.32
C GLU A 254 4.70 -0.98 -2.57
N ASP A 255 5.44 0.12 -2.40
CA ASP A 255 5.89 0.94 -3.52
C ASP A 255 6.88 0.24 -4.47
N TYR A 256 7.56 -0.80 -3.98
CA TYR A 256 8.54 -1.54 -4.77
C TYR A 256 8.05 -2.91 -5.26
N LEU A 257 6.80 -3.25 -4.92
CA LEU A 257 6.28 -4.56 -5.27
C LEU A 257 5.97 -4.65 -6.76
N THR A 258 6.74 -5.48 -7.45
CA THR A 258 6.58 -5.71 -8.87
C THR A 258 6.63 -7.21 -9.14
N THR A 259 6.07 -7.61 -10.28
CA THR A 259 6.19 -9.00 -10.75
C THR A 259 7.65 -9.43 -10.79
N ASP A 260 8.51 -8.55 -11.28
CA ASP A 260 9.94 -8.86 -11.38
C ASP A 260 10.59 -9.13 -10.04
N LEU A 261 10.26 -8.31 -9.03
CA LEU A 261 10.79 -8.49 -7.68
C LEU A 261 10.40 -9.85 -7.12
N VAL A 262 9.13 -10.20 -7.26
CA VAL A 262 8.63 -11.49 -6.78
C VAL A 262 9.37 -12.63 -7.45
N GLU A 263 9.55 -12.54 -8.77
CA GLU A 263 10.29 -13.56 -9.52
C GLU A 263 11.73 -13.71 -9.04
N THR A 264 12.40 -12.59 -8.74
CA THR A 264 13.76 -12.66 -8.21
C THR A 264 13.78 -13.39 -6.86
N TRP A 265 12.81 -13.10 -6.01
CA TRP A 265 12.68 -13.83 -4.74
C TRP A 265 12.49 -15.32 -4.99
N LEU A 266 11.59 -15.66 -5.91
CA LEU A 266 11.24 -17.05 -6.15
C LEU A 266 12.40 -17.92 -6.62
N ARG A 267 13.24 -17.39 -7.51
CA ARG A 267 14.38 -18.18 -8.00
C ARG A 267 15.59 -18.14 -7.07
N ASN A 268 15.55 -17.31 -6.03
CA ASN A 268 16.58 -17.30 -4.98
C ASN A 268 16.19 -18.13 -3.76
N MET A 269 15.02 -18.77 -3.83
CA MET A 269 14.55 -19.64 -2.74
C MET A 269 15.54 -20.76 -2.46
N LYS A 270 15.75 -21.05 -1.18
CA LYS A 270 16.52 -22.24 -0.76
C LYS A 270 15.66 -23.04 0.21
N THR A 271 15.67 -24.36 0.06
CA THR A 271 14.90 -25.24 0.93
C THR A 271 15.77 -25.80 2.04
N ARG A 272 15.26 -25.76 3.28
CA ARG A 272 15.97 -26.35 4.40
C ARG A 272 15.00 -26.71 5.51
N ASN A 273 15.43 -27.63 6.39
CA ASN A 273 14.64 -28.02 7.55
C ASN A 273 14.63 -26.87 8.55
N MET A 274 13.44 -26.39 8.90
CA MET A 274 13.33 -25.23 9.78
C MET A 274 11.99 -25.22 10.50
N GLU A 275 11.88 -24.28 11.46
CA GLU A 275 10.67 -24.10 12.23
C GLU A 275 9.98 -22.84 11.76
N VAL A 276 8.66 -22.93 11.61
CA VAL A 276 7.83 -21.79 11.24
C VAL A 276 6.75 -21.53 12.30
N PHE A 277 6.73 -20.30 12.82
CA PHE A 277 5.68 -19.83 13.69
C PHE A 277 4.81 -18.85 12.91
N PHE A 278 3.50 -19.14 12.81
CA PHE A 278 2.60 -18.42 11.91
C PHE A 278 1.21 -18.30 12.56
N PRO A 279 0.63 -17.09 12.60
CA PRO A 279 -0.65 -16.91 13.29
C PRO A 279 -1.86 -17.42 12.51
N LYS A 280 -2.82 -18.00 13.23
CA LYS A 280 -4.15 -18.23 12.68
C LYS A 280 -4.73 -16.85 12.40
N PHE A 281 -5.51 -16.72 11.33
CA PHE A 281 -6.25 -15.49 11.07
C PHE A 281 -7.40 -15.68 10.10
N LYS A 282 -8.30 -14.72 10.08
CA LYS A 282 -9.39 -14.66 9.10
C LYS A 282 -9.53 -13.21 8.69
N LEU A 283 -9.60 -12.95 7.39
CA LEU A 283 -9.86 -11.62 6.86
C LEU A 283 -11.16 -11.64 6.05
N ASP A 284 -11.93 -10.58 6.16
CA ASP A 284 -13.15 -10.39 5.38
C ASP A 284 -13.20 -8.93 5.01
N GLN A 285 -12.88 -8.63 3.75
CA GLN A 285 -12.75 -7.24 3.31
C GLN A 285 -13.58 -6.99 2.06
N LYS A 286 -14.28 -5.85 2.04
CA LYS A 286 -15.03 -5.39 0.90
C LYS A 286 -14.52 -4.02 0.52
N TYR A 287 -14.39 -3.77 -0.79
CA TYR A 287 -14.02 -2.44 -1.27
C TYR A 287 -14.93 -1.98 -2.38
N GLU A 288 -15.19 -0.67 -2.37
CA GLU A 288 -15.79 0.00 -3.52
C GLU A 288 -14.63 0.28 -4.47
N MET A 289 -14.55 -0.51 -5.54
CA MET A 289 -13.39 -0.51 -6.42
C MET A 289 -13.41 0.54 -7.55
N HIS A 290 -14.60 1.07 -7.88
CA HIS A 290 -14.72 1.95 -9.06
C HIS A 290 -13.88 3.24 -8.96
N GLU A 291 -13.77 3.83 -7.77
CA GLU A 291 -12.95 5.04 -7.60
C GLU A 291 -11.46 4.72 -7.64
N LEU A 292 -11.09 3.54 -7.20
CA LEU A 292 -9.71 3.07 -7.26
C LEU A 292 -9.33 2.77 -8.70
N LEU A 293 -10.25 2.12 -9.42
CA LEU A 293 -10.05 1.85 -10.83
C LEU A 293 -9.95 3.13 -11.67
N ARG A 294 -10.72 4.16 -11.33
CA ARG A 294 -10.59 5.49 -11.96
C ARG A 294 -9.18 6.04 -11.87
N GLN A 295 -8.52 5.84 -10.73
CA GLN A 295 -7.17 6.34 -10.51
C GLN A 295 -6.12 5.55 -11.28
N MET A 296 -6.49 4.36 -11.74
CA MET A 296 -5.63 3.55 -12.60
C MET A 296 -5.98 3.72 -14.07
N GLY A 297 -6.73 4.78 -14.39
CA GLY A 297 -7.02 5.11 -15.79
C GLY A 297 -8.26 4.48 -16.39
N ILE A 298 -9.05 3.75 -15.59
CA ILE A 298 -10.33 3.21 -16.05
C ILE A 298 -11.45 4.21 -15.68
N ARG A 299 -11.77 5.10 -16.61
CA ARG A 299 -12.58 6.29 -16.28
C ARG A 299 -13.90 6.42 -17.02
N ARG A 300 -13.86 6.28 -18.35
CA ARG A 300 -15.03 6.56 -19.18
C ARG A 300 -16.25 5.72 -18.81
N ILE A 301 -16.01 4.46 -18.41
CA ILE A 301 -17.08 3.50 -18.11
C ILE A 301 -17.86 3.88 -16.84
N PHE A 302 -17.23 4.64 -15.94
CA PHE A 302 -17.88 5.15 -14.74
C PHE A 302 -18.36 6.59 -14.91
N SER A 303 -18.61 7.00 -16.15
CA SER A 303 -19.06 8.36 -16.43
C SER A 303 -20.31 8.32 -17.29
N PRO A 304 -21.04 9.44 -17.38
CA PRO A 304 -22.21 9.53 -18.28
C PRO A 304 -21.84 9.37 -19.76
N PHE A 305 -20.54 9.47 -20.07
CA PHE A 305 -20.05 9.37 -21.44
C PHE A 305 -19.69 7.95 -21.86
N ALA A 306 -19.92 7.00 -20.96
CA ALA A 306 -19.64 5.59 -21.24
C ALA A 306 -20.37 5.11 -22.50
N ASP A 307 -19.72 4.25 -23.27
CA ASP A 307 -20.36 3.58 -24.39
C ASP A 307 -20.43 2.08 -24.12
N LEU A 308 -21.56 1.66 -23.56
CA LEU A 308 -21.90 0.25 -23.41
C LEU A 308 -23.17 -0.02 -24.22
N SER A 309 -23.30 0.67 -25.34
CA SER A 309 -24.49 0.56 -26.19
C SER A 309 -24.65 -0.84 -26.79
N GLU A 310 -23.52 -1.53 -26.99
CA GLU A 310 -23.57 -2.92 -27.43
C GLU A 310 -24.18 -3.81 -26.36
N LEU A 311 -23.84 -3.55 -25.09
CA LEU A 311 -24.44 -4.25 -23.95
C LEU A 311 -25.97 -4.08 -23.90
N SER A 312 -26.46 -2.88 -24.20
CA SER A 312 -27.91 -2.64 -24.36
C SER A 312 -28.20 -1.39 -25.19
N ALA A 313 -29.17 -1.49 -26.08
CA ALA A 313 -29.55 -0.38 -26.97
C ALA A 313 -30.32 0.72 -26.22
N THR A 314 -31.19 0.31 -25.29
CA THR A 314 -32.02 1.24 -24.52
C THR A 314 -31.19 2.32 -23.83
N GLY A 315 -31.78 3.50 -23.64
CA GLY A 315 -30.99 4.71 -23.35
C GLY A 315 -31.13 5.36 -21.98
N ARG A 316 -30.33 6.43 -21.80
CA ARG A 316 -30.42 7.33 -20.65
C ARG A 316 -30.16 6.66 -19.30
N ASN A 317 -28.90 6.33 -18.97
CA ASN A 317 -27.72 6.53 -19.83
C ASN A 317 -26.62 5.57 -19.36
N LEU A 318 -26.49 4.43 -20.06
CA LEU A 318 -25.81 3.24 -19.51
C LEU A 318 -24.34 3.45 -19.13
N GLN A 319 -24.10 3.47 -17.83
CA GLN A 319 -22.76 3.46 -17.28
C GLN A 319 -22.72 2.51 -16.08
N VAL A 320 -21.52 2.26 -15.57
CA VAL A 320 -21.37 1.46 -14.35
C VAL A 320 -21.37 2.42 -13.18
N SER A 321 -22.20 2.13 -12.18
CA SER A 321 -22.35 2.98 -11.01
C SER A 321 -21.38 2.57 -9.90
N ARG A 322 -21.35 1.27 -9.59
CA ARG A 322 -20.44 0.71 -8.58
C ARG A 322 -19.84 -0.63 -9.02
N VAL A 323 -18.61 -0.87 -8.56
CA VAL A 323 -17.97 -2.17 -8.70
C VAL A 323 -17.47 -2.59 -7.32
N LEU A 324 -18.03 -3.71 -6.80
CA LEU A 324 -17.66 -4.22 -5.48
C LEU A 324 -16.85 -5.51 -5.55
N GLN A 325 -15.84 -5.62 -4.69
CA GLN A 325 -15.24 -6.92 -4.39
C GLN A 325 -15.26 -7.17 -2.90
N ARG A 326 -15.72 -8.36 -2.51
CA ARG A 326 -15.61 -8.83 -1.15
C ARG A 326 -14.85 -10.15 -1.15
N THR A 327 -13.87 -10.22 -0.26
CA THR A 327 -12.89 -11.29 -0.25
C THR A 327 -12.79 -11.84 1.17
N VAL A 328 -12.94 -13.17 1.29
CA VAL A 328 -12.86 -13.85 2.58
C VAL A 328 -11.78 -14.92 2.52
N ILE A 329 -10.76 -14.77 3.36
CA ILE A 329 -9.64 -15.70 3.45
C ILE A 329 -9.53 -16.17 4.91
N GLU A 330 -9.40 -17.49 5.11
CA GLU A 330 -9.15 -18.04 6.45
C GLU A 330 -7.95 -18.98 6.48
N VAL A 331 -7.16 -18.88 7.54
CA VAL A 331 -5.97 -19.70 7.73
C VAL A 331 -6.02 -20.41 9.08
N ASP A 332 -5.85 -21.74 9.07
CA ASP A 332 -5.75 -22.54 10.29
C ASP A 332 -4.70 -23.66 10.12
N GLU A 333 -4.69 -24.62 11.04
CA GLU A 333 -3.66 -25.68 11.06
C GLU A 333 -3.85 -26.75 9.98
N ARG A 334 -5.08 -26.88 9.45
CA ARG A 334 -5.45 -28.05 8.66
C ARG A 334 -4.58 -28.23 7.40
N GLY A 335 -4.16 -29.46 7.18
CA GLY A 335 -3.43 -29.83 5.97
C GLY A 335 -3.56 -31.32 5.69
N THR A 336 -2.91 -31.79 4.63
CA THR A 336 -2.89 -33.22 4.31
C THR A 336 -1.93 -33.96 5.25
N GLU A 337 -2.14 -35.27 5.42
CA GLU A 337 -1.35 -36.07 6.37
C GLU A 337 0.10 -36.31 5.92
N ALA A 338 0.92 -35.27 5.95
CA ALA A 338 2.33 -35.39 5.59
C ALA A 338 3.11 -35.96 6.77
N VAL A 339 4.15 -36.74 6.47
CA VAL A 339 5.06 -37.24 7.49
C VAL A 339 5.99 -36.10 7.89
N ALA A 340 6.27 -35.96 9.19
CA ALA A 340 7.06 -34.84 9.70
C ALA A 340 8.55 -35.00 9.40
N GLY A 341 9.16 -33.95 8.87
CA GLY A 341 10.58 -33.94 8.57
C GLY A 341 11.42 -33.75 9.82
N ILE A 342 12.64 -34.29 9.79
CA ILE A 342 13.54 -34.20 10.94
C ILE A 342 14.28 -32.86 10.96
N LEU A 343 14.18 -32.13 12.07
CA LEU A 343 15.00 -30.93 12.29
C LEU A 343 16.41 -31.35 12.68
N SER A 344 17.36 -30.45 12.49
CA SER A 344 18.74 -30.68 12.92
C SER A 344 18.83 -30.56 14.44
N GLU A 345 19.78 -31.30 15.03
CA GLU A 345 19.96 -31.29 16.49
C GLU A 345 20.33 -29.91 17.02
N ILE A 346 19.86 -29.61 18.23
CA ILE A 346 20.26 -28.40 18.96
C ILE A 346 21.61 -28.64 19.62
N THR A 347 22.63 -27.88 19.20
CA THR A 347 23.97 -27.96 19.80
C THR A 347 24.24 -26.72 20.67
N ALA A 348 25.44 -26.65 21.25
CA ALA A 348 25.81 -25.54 22.14
C ALA A 348 25.93 -24.19 21.42
N TYR A 349 26.15 -24.22 20.10
CA TYR A 349 26.35 -23.00 19.30
C TYR A 349 25.28 -22.76 18.23
N SER A 350 24.29 -23.65 18.11
CA SER A 350 23.25 -23.51 17.08
C SER A 350 22.00 -24.36 17.30
N MET A 351 20.90 -23.89 16.73
CA MET A 351 19.64 -24.64 16.68
C MET A 351 19.03 -24.40 15.29
N PRO A 352 17.99 -25.18 14.93
CA PRO A 352 17.40 -25.01 13.59
C PRO A 352 17.02 -23.57 13.25
N PRO A 353 16.99 -23.24 11.95
CA PRO A 353 16.49 -21.95 11.48
C PRO A 353 15.03 -21.72 11.87
N VAL A 354 14.64 -20.46 12.03
CA VAL A 354 13.29 -20.11 12.43
C VAL A 354 12.82 -18.83 11.75
N ILE A 355 11.61 -18.85 11.22
CA ILE A 355 10.92 -17.63 10.83
C ILE A 355 9.67 -17.48 11.72
N LYS A 356 9.65 -16.41 12.51
CA LYS A 356 8.57 -16.14 13.44
C LYS A 356 7.77 -14.95 12.98
N VAL A 357 6.54 -15.20 12.52
CA VAL A 357 5.69 -14.14 11.98
C VAL A 357 4.86 -13.55 13.10
N ASP A 358 5.48 -12.68 13.90
CA ASP A 358 4.85 -12.12 15.09
C ASP A 358 4.69 -10.61 14.97
N ARG A 359 4.58 -10.13 13.74
CA ARG A 359 4.35 -8.73 13.44
C ARG A 359 3.76 -8.64 12.04
N PRO A 360 3.27 -7.45 11.63
CA PRO A 360 2.53 -7.34 10.37
C PRO A 360 3.29 -7.85 9.15
N PHE A 361 2.56 -8.47 8.24
CA PHE A 361 3.17 -9.12 7.08
C PHE A 361 2.24 -9.06 5.88
N HIS A 362 2.81 -9.25 4.70
CA HIS A 362 2.03 -9.36 3.48
C HIS A 362 1.96 -10.82 3.10
N PHE A 363 0.93 -11.18 2.34
CA PHE A 363 0.88 -12.49 1.75
C PHE A 363 0.34 -12.44 0.34
N MET A 364 0.78 -13.38 -0.47
CA MET A 364 0.30 -13.55 -1.84
C MET A 364 -0.01 -15.02 -2.05
N ILE A 365 -1.21 -15.31 -2.56
CA ILE A 365 -1.56 -16.67 -2.92
C ILE A 365 -1.58 -16.82 -4.44
N TYR A 366 -0.71 -17.70 -4.93
CA TYR A 366 -0.49 -17.94 -6.36
C TYR A 366 -0.97 -19.32 -6.77
N GLU A 367 -1.53 -19.41 -7.97
CA GLU A 367 -1.73 -20.70 -8.64
C GLU A 367 -0.43 -21.06 -9.34
N GLU A 368 0.05 -22.29 -9.17
CA GLU A 368 1.43 -22.65 -9.54
C GLU A 368 1.72 -22.81 -11.03
N THR A 369 0.78 -23.41 -11.77
CA THR A 369 1.00 -23.65 -13.19
C THR A 369 1.09 -22.33 -13.97
N SER A 370 0.13 -21.45 -13.72
CA SER A 370 0.00 -20.18 -14.43
C SER A 370 0.79 -19.05 -13.77
N GLY A 371 0.90 -19.08 -12.45
CA GLY A 371 1.46 -17.95 -11.70
C GLY A 371 0.41 -16.87 -11.43
N MET A 372 -0.87 -17.21 -11.56
CA MET A 372 -1.92 -16.23 -11.37
C MET A 372 -2.10 -15.89 -9.88
N LEU A 373 -2.11 -14.59 -9.60
CA LEU A 373 -2.24 -14.09 -8.25
C LEU A 373 -3.72 -14.06 -7.86
N LEU A 374 -4.11 -15.03 -7.03
CA LEU A 374 -5.50 -15.20 -6.63
C LEU A 374 -5.87 -14.30 -5.46
N PHE A 375 -4.91 -14.08 -4.55
CA PHE A 375 -5.13 -13.24 -3.38
C PHE A 375 -3.89 -12.42 -3.10
N LEU A 376 -4.11 -11.14 -2.77
CA LEU A 376 -3.04 -10.26 -2.34
C LEU A 376 -3.52 -9.62 -1.05
N GLY A 377 -2.74 -9.76 0.01
CA GLY A 377 -3.20 -9.37 1.32
C GLY A 377 -2.14 -8.88 2.27
N ARG A 378 -2.63 -8.35 3.39
CA ARG A 378 -1.78 -7.78 4.41
C ARG A 378 -2.46 -7.96 5.75
N VAL A 379 -1.74 -8.55 6.70
CA VAL A 379 -2.25 -8.76 8.04
C VAL A 379 -1.47 -7.88 9.01
N VAL A 380 -2.16 -6.93 9.62
CA VAL A 380 -1.56 -6.05 10.63
C VAL A 380 -2.04 -6.41 12.03
N ASN A 381 -3.17 -7.12 12.10
CA ASN A 381 -3.76 -7.57 13.35
C ASN A 381 -4.57 -8.83 13.08
N PRO A 382 -4.05 -10.01 13.48
CA PRO A 382 -4.73 -11.27 13.17
C PRO A 382 -5.93 -11.60 14.06
N THR A 383 -6.24 -10.77 15.04
CA THR A 383 -7.38 -11.04 15.93
C THR A 383 -8.66 -10.36 15.44
N LEU A 384 -8.58 -9.63 14.33
CA LEU A 384 -9.78 -9.07 13.71
C LEU A 384 -9.77 -9.26 12.20
N LEU A 385 -10.91 -8.99 11.57
CA LEU A 385 -11.11 -9.31 10.16
C LEU A 385 -10.47 -8.31 9.21
N ASN B 3 10.80 -5.28 28.41
CA ASN B 3 10.85 -5.87 27.04
C ASN B 3 10.00 -5.09 26.03
N GLU B 4 8.97 -4.41 26.52
CA GLU B 4 8.14 -3.55 25.70
C GLU B 4 8.65 -2.12 25.74
N CYS B 5 8.42 -1.40 24.64
CA CYS B 5 8.75 0.02 24.56
C CYS B 5 7.60 0.80 25.18
N HIS B 6 7.87 1.49 26.28
CA HIS B 6 6.83 2.20 27.00
C HIS B 6 6.69 3.64 26.49
N PRO B 7 5.61 3.92 25.73
CA PRO B 7 5.38 5.27 25.23
C PRO B 7 4.92 6.25 26.33
N GLU B 8 4.25 5.72 27.34
CA GLU B 8 3.76 6.49 28.47
C GLU B 8 4.88 7.09 29.35
N ARG B 9 6.04 6.43 29.38
CA ARG B 9 7.13 6.81 30.29
C ARG B 9 8.26 7.59 29.60
N THR B 10 9.15 8.16 30.40
CA THR B 10 10.33 8.90 29.92
C THR B 10 11.66 8.23 30.28
N ASP B 11 11.60 7.08 30.96
CA ASP B 11 12.78 6.42 31.49
C ASP B 11 13.41 5.38 30.54
N GLY B 12 12.89 5.26 29.32
CA GLY B 12 13.37 4.27 28.34
C GLY B 12 14.39 4.85 27.37
N CYS B 13 14.25 4.52 26.09
CA CYS B 13 15.13 5.04 25.03
C CYS B 13 14.91 6.55 24.87
N GLN B 14 15.94 7.26 24.42
CA GLN B 14 15.82 8.69 24.13
C GLN B 14 15.16 8.90 22.77
N HIS B 15 15.69 8.22 21.75
CA HIS B 15 15.13 8.28 20.40
C HIS B 15 14.24 7.05 20.12
N PHE B 16 14.73 6.11 19.31
CA PHE B 16 13.89 5.01 18.82
C PHE B 16 14.00 3.77 19.72
N CYS B 17 12.97 2.94 19.68
CA CYS B 17 12.93 1.70 20.48
C CYS B 17 12.47 0.49 19.65
N LEU B 18 12.82 -0.71 20.12
CA LEU B 18 12.50 -1.94 19.42
C LEU B 18 12.30 -3.09 20.43
N PRO B 19 11.05 -3.60 20.55
CA PRO B 19 10.76 -4.62 21.56
C PRO B 19 11.12 -6.04 21.12
N GLY B 20 10.97 -6.99 22.04
CA GLY B 20 11.19 -8.41 21.75
C GLY B 20 11.92 -9.09 22.88
N GLN B 21 12.13 -10.40 22.76
CA GLN B 21 12.90 -11.17 23.73
C GLN B 21 12.38 -10.88 25.15
N GLU B 22 13.26 -10.52 26.08
CA GLU B 22 12.84 -9.94 27.35
C GLU B 22 13.67 -8.68 27.62
N SER B 23 13.75 -7.83 26.60
CA SER B 23 14.48 -6.58 26.63
C SER B 23 14.10 -5.73 25.41
N TYR B 24 14.65 -4.53 25.31
CA TYR B 24 14.39 -3.68 24.15
C TYR B 24 15.67 -2.98 23.70
N THR B 25 15.94 -3.04 22.39
CA THR B 25 17.13 -2.43 21.83
C THR B 25 16.82 -1.01 21.36
N CYS B 26 17.52 -0.03 21.95
CA CYS B 26 17.37 1.36 21.55
C CYS B 26 18.26 1.66 20.35
N SER B 27 17.81 2.58 19.50
CA SER B 27 18.61 3.07 18.40
C SER B 27 18.43 4.59 18.28
N CYS B 28 19.34 5.23 17.56
CA CYS B 28 19.40 6.69 17.51
C CYS B 28 19.11 7.29 16.15
N ALA B 29 18.86 8.59 16.15
CA ALA B 29 18.67 9.35 14.92
C ALA B 29 20.01 9.57 14.22
N GLN B 30 19.97 10.29 13.11
CA GLN B 30 21.09 10.38 12.17
C GLN B 30 22.28 11.13 12.76
N GLY B 31 23.38 10.43 12.98
CA GLY B 31 24.62 11.03 13.48
C GLY B 31 24.75 11.06 15.00
N TYR B 32 24.07 10.13 15.66
CA TYR B 32 24.10 10.01 17.12
C TYR B 32 24.64 8.65 17.53
N ARG B 33 25.49 8.64 18.55
CA ARG B 33 26.03 7.40 19.11
C ARG B 33 25.11 6.92 20.23
N LEU B 34 24.87 5.61 20.28
CA LEU B 34 24.16 5.00 21.40
C LEU B 34 25.10 4.99 22.60
N GLY B 35 24.63 5.46 23.74
CA GLY B 35 25.47 5.64 24.92
C GLY B 35 25.86 4.35 25.63
N GLU B 36 26.59 4.50 26.74
CA GLU B 36 27.06 3.36 27.54
C GLU B 36 25.91 2.71 28.33
N ASP B 37 24.89 3.50 28.65
CA ASP B 37 23.69 2.99 29.34
C ASP B 37 22.63 2.43 28.37
N HIS B 38 22.94 2.40 27.08
CA HIS B 38 22.11 1.76 26.04
C HIS B 38 20.71 2.37 25.86
N LYS B 39 20.54 3.62 26.33
CA LYS B 39 19.26 4.33 26.23
C LYS B 39 19.42 5.74 25.64
N GLN B 40 20.37 6.49 26.19
CA GLN B 40 20.64 7.86 25.75
C GLN B 40 21.33 7.90 24.37
N CYS B 41 20.99 8.91 23.58
CA CYS B 41 21.64 9.16 22.30
C CYS B 41 22.49 10.43 22.38
N VAL B 42 23.80 10.28 22.19
CA VAL B 42 24.75 11.39 22.25
C VAL B 42 25.21 11.75 20.83
N PRO B 43 25.25 13.07 20.51
CA PRO B 43 25.80 13.51 19.22
C PRO B 43 27.24 13.05 19.01
N HIS B 44 27.49 12.41 17.86
CA HIS B 44 28.81 11.86 17.56
C HIS B 44 29.43 12.56 16.36
N ASP B 45 28.75 12.48 15.22
CA ASP B 45 29.25 13.07 13.97
C ASP B 45 29.05 14.58 13.96
N GLN B 46 29.73 15.23 13.02
CA GLN B 46 29.62 16.69 12.86
C GLN B 46 28.22 17.11 12.41
N CYS B 47 27.55 16.24 11.64
CA CYS B 47 26.19 16.52 11.15
C CYS B 47 25.10 15.89 12.02
N ALA B 48 25.26 15.97 13.34
CA ALA B 48 24.24 15.47 14.27
C ALA B 48 22.93 16.22 14.01
N CYS B 49 21.87 15.48 13.71
CA CYS B 49 20.64 16.08 13.22
C CYS B 49 19.83 16.78 14.32
N GLY B 50 19.03 17.76 13.90
CA GLY B 50 18.00 18.35 14.75
C GLY B 50 18.44 19.13 15.98
N VAL B 51 19.65 19.67 15.96
CA VAL B 51 20.17 20.45 17.09
C VAL B 51 19.93 21.94 16.87
N LEU B 52 19.26 22.59 17.83
CA LEU B 52 19.04 24.04 17.81
C LEU B 52 19.79 24.72 18.94
N THR B 53 19.91 26.05 18.86
CA THR B 53 20.61 26.83 19.87
C THR B 53 20.14 28.30 19.86
N SER B 54 20.48 29.02 20.93
CA SER B 54 20.13 30.45 21.04
C SER B 54 21.18 31.19 21.87
N ASP B 63 18.81 31.45 10.80
CA ASP B 63 17.83 31.25 11.87
C ASP B 63 17.72 29.76 12.27
N LEU B 64 17.22 28.93 11.34
CA LEU B 64 17.10 27.48 11.54
C LEU B 64 18.09 26.76 10.63
N PRO B 65 18.94 25.86 11.17
CA PRO B 65 20.02 25.24 10.40
C PRO B 65 19.60 24.42 9.18
N TRP B 66 18.37 23.92 9.16
CA TRP B 66 17.91 23.02 8.10
C TRP B 66 17.07 23.71 7.01
N GLN B 67 16.52 24.88 7.30
CA GLN B 67 15.69 25.61 6.34
C GLN B 67 16.52 26.14 5.16
N VAL B 68 15.99 25.98 3.95
CA VAL B 68 16.61 26.51 2.73
C VAL B 68 15.54 26.99 1.74
N LYS B 69 15.92 27.95 0.89
CA LYS B 69 15.06 28.41 -0.21
C LYS B 69 15.50 27.75 -1.52
N LEU B 70 14.54 27.55 -2.43
CA LEU B 70 14.85 27.07 -3.78
C LEU B 70 14.83 28.28 -4.72
N THR B 71 15.93 28.49 -5.42
CA THR B 71 16.11 29.68 -6.25
C THR B 71 16.31 29.27 -7.71
N ASN B 72 15.69 30.02 -8.62
CA ASN B 72 15.80 29.75 -10.06
C ASN B 72 16.90 30.59 -10.72
N SER B 73 17.09 30.37 -12.03
CA SER B 73 18.18 31.01 -12.79
C SER B 73 18.07 32.53 -12.86
N GLU B 74 16.84 33.05 -12.83
CA GLU B 74 16.60 34.49 -12.85
C GLU B 74 16.90 35.13 -11.48
N GLY B 75 17.07 34.29 -10.46
CA GLY B 75 17.34 34.75 -9.10
C GLY B 75 16.09 34.78 -8.20
N LYS B 76 14.97 34.30 -8.72
CA LYS B 76 13.69 34.35 -8.02
C LYS B 76 13.51 33.12 -7.13
N ASP B 77 13.22 33.35 -5.85
CA ASP B 77 12.91 32.29 -4.91
C ASP B 77 11.47 31.85 -5.14
N PHE B 78 11.23 30.54 -5.26
CA PHE B 78 9.90 30.01 -5.58
C PHE B 78 9.35 28.99 -4.58
N CYS B 79 10.24 28.23 -3.92
CA CYS B 79 9.82 27.23 -2.95
C CYS B 79 10.77 27.19 -1.75
N GLY B 80 10.35 26.47 -0.71
CA GLY B 80 11.17 26.19 0.44
C GLY B 80 11.59 24.73 0.45
N GLY B 81 12.53 24.40 1.33
CA GLY B 81 13.01 23.03 1.47
C GLY B 81 13.75 22.84 2.76
N VAL B 82 13.89 21.60 3.18
CA VAL B 82 14.56 21.28 4.43
C VAL B 82 15.69 20.30 4.19
N ILE B 83 16.84 20.56 4.82
CA ILE B 83 17.99 19.66 4.74
C ILE B 83 17.68 18.41 5.57
N ILE B 84 17.88 17.24 4.98
CA ILE B 84 17.69 15.96 5.71
C ILE B 84 18.94 15.09 5.71
N ARG B 85 19.88 15.37 4.81
CA ARG B 85 21.19 14.75 4.89
C ARG B 85 22.26 15.76 4.45
N GLU B 86 23.48 15.54 4.95
CA GLU B 86 24.68 16.26 4.52
C GLU B 86 24.64 16.78 3.08
N ASN B 87 24.14 15.96 2.17
CA ASN B 87 24.12 16.30 0.73
C ASN B 87 22.74 16.20 0.07
N PHE B 88 21.68 16.31 0.87
CA PHE B 88 20.31 16.14 0.36
C PHE B 88 19.30 17.07 1.01
N VAL B 89 18.48 17.70 0.17
CA VAL B 89 17.37 18.53 0.61
C VAL B 89 16.06 17.89 0.16
N LEU B 90 15.05 17.93 1.02
CA LEU B 90 13.72 17.43 0.68
C LEU B 90 12.82 18.61 0.38
N THR B 91 12.02 18.47 -0.68
CA THR B 91 11.00 19.44 -1.03
C THR B 91 9.84 18.68 -1.70
N THR B 92 8.85 19.40 -2.20
CA THR B 92 7.73 18.75 -2.91
C THR B 92 8.16 18.44 -4.35
N ALA B 93 7.44 17.55 -5.01
CA ALA B 93 7.69 17.23 -6.41
C ALA B 93 7.36 18.43 -7.31
N LYS B 94 6.18 19.02 -7.09
CA LYS B 94 5.76 20.23 -7.82
C LYS B 94 6.87 21.27 -7.84
N CYS B 95 7.46 21.52 -6.67
CA CYS B 95 8.53 22.49 -6.51
C CYS B 95 9.73 22.14 -7.37
N SER B 96 10.16 20.88 -7.30
CA SER B 96 11.36 20.44 -8.00
C SER B 96 11.19 20.43 -9.52
N LEU B 97 9.95 20.43 -10.00
CA LEU B 97 9.67 20.35 -11.44
C LEU B 97 9.30 21.70 -12.07
N LEU B 98 9.28 22.76 -11.27
CA LEU B 98 8.93 24.09 -11.77
C LEU B 98 9.98 24.68 -12.68
N HIS B 99 11.25 24.46 -12.33
CA HIS B 99 12.36 24.99 -13.10
C HIS B 99 13.41 23.91 -13.36
N ARG B 100 14.12 24.06 -14.47
CA ARG B 100 15.09 23.06 -14.91
C ARG B 100 16.37 23.16 -14.09
N ASN B 101 16.85 24.38 -13.88
CA ASN B 101 18.05 24.62 -13.09
C ASN B 101 17.68 25.27 -11.75
N ILE B 102 17.78 24.49 -10.68
CA ILE B 102 17.44 24.97 -9.34
C ILE B 102 18.69 25.10 -8.47
N THR B 103 18.74 26.17 -7.69
CA THR B 103 19.83 26.39 -6.76
C THR B 103 19.26 26.49 -5.34
N VAL B 104 19.81 25.71 -4.43
CA VAL B 104 19.45 25.80 -3.02
C VAL B 104 20.25 26.94 -2.40
N LYS B 105 19.60 27.74 -1.55
CA LYS B 105 20.32 28.76 -0.79
C LYS B 105 19.86 28.86 0.66
N THR B 106 20.79 29.25 1.53
CA THR B 106 20.53 29.37 2.97
C THR B 106 21.21 30.62 3.54
N TYR B 107 20.56 31.23 4.53
CA TYR B 107 21.08 32.41 5.22
C TYR B 107 21.72 32.05 6.55
N PHE B 108 21.53 30.80 7.00
CA PHE B 108 22.00 30.37 8.32
C PHE B 108 23.48 30.70 8.53
N ASN B 109 23.76 31.50 9.55
CA ASN B 109 25.13 31.87 9.92
C ASN B 109 25.87 32.55 8.77
N ARG B 110 25.25 33.61 8.22
CA ARG B 110 25.82 34.36 7.10
C ARG B 110 25.80 35.85 7.39
N SER B 112 23.62 38.16 5.71
CA SER B 112 22.47 38.95 5.26
C SER B 112 22.44 39.05 3.73
N GLN B 113 23.36 39.83 3.16
CA GLN B 113 23.47 40.01 1.71
C GLN B 113 24.49 39.04 1.10
N ASP B 114 24.67 37.89 1.74
CA ASP B 114 25.68 36.92 1.33
C ASP B 114 25.25 35.50 1.72
N PRO B 115 24.17 35.00 1.11
CA PRO B 115 23.71 33.64 1.38
C PRO B 115 24.53 32.60 0.62
N LEU B 116 24.64 31.40 1.19
CA LEU B 116 25.36 30.29 0.55
C LEU B 116 24.50 29.70 -0.56
N MET B 117 25.04 29.64 -1.77
CA MET B 117 24.36 29.04 -2.93
C MET B 117 24.98 27.67 -3.21
N ILE B 118 24.12 26.69 -3.46
CA ILE B 118 24.58 25.35 -3.84
C ILE B 118 23.74 24.81 -4.99
N LYS B 119 24.41 24.36 -6.04
CA LYS B 119 23.75 23.82 -7.22
C LYS B 119 23.23 22.41 -6.95
N ILE B 120 22.10 22.07 -7.55
CA ILE B 120 21.52 20.74 -7.43
C ILE B 120 21.90 19.91 -8.66
N THR B 121 22.68 18.86 -8.42
CA THR B 121 23.18 18.00 -9.50
C THR B 121 22.14 16.98 -9.97
N HIS B 122 21.29 16.49 -9.07
CA HIS B 122 20.28 15.49 -9.42
C HIS B 122 18.96 15.74 -8.70
N VAL B 123 17.86 15.39 -9.37
CA VAL B 123 16.53 15.52 -8.81
C VAL B 123 15.85 14.14 -8.81
N HIS B 124 15.36 13.73 -7.64
CA HIS B 124 14.73 12.42 -7.49
C HIS B 124 13.27 12.62 -7.08
N VAL B 125 12.38 12.68 -8.06
CA VAL B 125 10.95 12.73 -7.78
C VAL B 125 10.53 11.36 -7.30
N HIS B 126 9.62 11.29 -6.34
CA HIS B 126 9.16 10.01 -5.84
C HIS B 126 8.64 9.13 -6.98
N MET B 127 9.00 7.85 -6.93
CA MET B 127 8.67 6.86 -7.96
C MET B 127 7.17 6.60 -8.12
N ARG B 128 6.38 7.02 -7.14
CA ARG B 128 4.93 6.85 -7.19
C ARG B 128 4.22 8.19 -7.13
N TYR B 129 4.93 9.27 -7.47
CA TYR B 129 4.30 10.59 -7.59
C TYR B 129 3.22 10.53 -8.67
N ASP B 130 2.06 11.11 -8.37
CA ASP B 130 1.00 11.25 -9.37
C ASP B 130 0.43 12.66 -9.28
N ALA B 131 0.61 13.43 -10.35
CA ALA B 131 0.25 14.84 -10.35
C ALA B 131 -1.24 15.04 -10.17
N ASP B 132 -2.04 14.23 -10.87
CA ASP B 132 -3.49 14.36 -10.83
C ASP B 132 -4.02 14.25 -9.40
N ALA B 133 -3.84 13.07 -8.79
CA ALA B 133 -4.31 12.80 -7.43
C ALA B 133 -3.52 13.59 -6.36
N GLY B 134 -2.28 13.95 -6.67
CA GLY B 134 -1.42 14.66 -5.72
C GLY B 134 -0.77 13.75 -4.68
N GLU B 135 -0.67 12.46 -4.99
CA GLU B 135 -0.07 11.48 -4.08
C GLU B 135 1.47 11.46 -4.20
N ASN B 136 2.14 11.24 -3.06
CA ASN B 136 3.60 11.12 -3.00
C ASN B 136 4.31 12.32 -3.63
N ASP B 137 3.87 13.52 -3.26
CA ASP B 137 4.40 14.76 -3.80
C ASP B 137 5.65 15.19 -3.03
N LEU B 138 6.74 14.45 -3.25
CA LEU B 138 8.05 14.81 -2.70
C LEU B 138 9.13 14.53 -3.74
N SER B 139 10.26 15.21 -3.58
CA SER B 139 11.45 14.92 -4.34
C SER B 139 12.67 15.23 -3.50
N LEU B 140 13.73 14.44 -3.71
CA LEU B 140 14.99 14.66 -3.01
C LEU B 140 15.98 15.28 -3.98
N LEU B 141 16.63 16.35 -3.55
CA LEU B 141 17.58 17.08 -4.38
C LEU B 141 18.98 16.84 -3.85
N GLU B 142 19.83 16.22 -4.67
CA GLU B 142 21.23 16.03 -4.29
C GLU B 142 22.00 17.32 -4.55
N LEU B 143 22.80 17.71 -3.57
CA LEU B 143 23.62 18.92 -3.66
C LEU B 143 24.96 18.58 -4.32
N GLU B 144 25.43 19.48 -5.18
CA GLU B 144 26.75 19.33 -5.81
C GLU B 144 27.83 19.21 -4.75
N TRP B 145 27.74 20.05 -3.71
CA TRP B 145 28.68 20.02 -2.60
C TRP B 145 27.93 19.92 -1.28
N PRO B 146 28.35 18.98 -0.41
CA PRO B 146 27.82 18.82 0.95
C PRO B 146 27.85 20.11 1.79
N ILE B 147 26.90 20.21 2.72
CA ILE B 147 26.88 21.30 3.70
C ILE B 147 27.92 21.04 4.78
N GLN B 148 28.63 22.09 5.18
CA GLN B 148 29.62 21.99 6.24
C GLN B 148 28.95 22.08 7.62
N CYS B 149 28.72 20.93 8.24
CA CYS B 149 28.10 20.90 9.58
C CYS B 149 29.14 21.21 10.67
N PRO B 150 28.73 21.96 11.71
CA PRO B 150 27.43 22.58 11.94
C PRO B 150 27.34 24.05 11.49
N GLY B 151 28.49 24.66 11.15
CA GLY B 151 28.57 26.09 10.86
C GLY B 151 27.75 26.55 9.67
N ALA B 152 27.86 25.83 8.55
CA ALA B 152 27.11 26.18 7.33
C ALA B 152 25.64 25.76 7.42
N GLY B 153 25.38 24.66 8.12
CA GLY B 153 24.01 24.18 8.34
C GLY B 153 23.97 22.84 9.06
N LEU B 154 22.75 22.33 9.24
CA LEU B 154 22.54 21.01 9.83
C LEU B 154 21.25 20.41 9.26
N PRO B 155 21.23 19.09 9.04
CA PRO B 155 19.98 18.43 8.64
C PRO B 155 19.03 18.29 9.81
N VAL B 156 17.74 18.27 9.53
CA VAL B 156 16.73 17.92 10.53
C VAL B 156 16.68 16.40 10.64
N CYS B 157 16.38 15.90 11.83
CA CYS B 157 16.19 14.46 12.03
C CYS B 157 14.95 13.96 11.30
N THR B 158 15.04 12.75 10.75
CA THR B 158 13.88 12.05 10.22
C THR B 158 13.58 10.92 11.20
N PRO B 159 12.35 10.88 11.72
CA PRO B 159 11.98 9.86 12.72
C PRO B 159 11.57 8.54 12.06
N GLU B 160 11.72 7.43 12.79
CA GLU B 160 11.18 6.16 12.30
C GLU B 160 9.66 6.16 12.47
N LYS B 161 8.98 5.32 11.72
CA LYS B 161 7.54 5.43 11.53
C LYS B 161 6.71 5.48 12.82
N ASP B 162 6.84 4.45 13.65
CA ASP B 162 6.02 4.31 14.86
C ASP B 162 6.30 5.40 15.87
N PHE B 163 7.57 5.73 16.02
CA PHE B 163 8.02 6.81 16.89
C PHE B 163 7.26 8.10 16.56
N ALA B 164 7.27 8.48 15.27
CA ALA B 164 6.58 9.70 14.83
C ALA B 164 5.09 9.67 15.10
N GLU B 165 4.46 8.54 14.79
CA GLU B 165 3.00 8.45 14.77
C GLU B 165 2.37 8.10 16.12
N HIS B 166 3.19 7.75 17.11
CA HIS B 166 2.69 7.45 18.46
C HIS B 166 3.31 8.32 19.57
N LEU B 167 4.51 8.87 19.35
CA LEU B 167 5.19 9.67 20.36
C LEU B 167 5.23 11.16 20.02
N LEU B 168 5.59 11.50 18.79
CA LEU B 168 5.71 12.92 18.40
C LEU B 168 4.36 13.56 18.11
N ILE B 169 3.72 13.14 17.02
CA ILE B 169 2.60 13.88 16.45
C ILE B 169 1.37 13.96 17.37
N PRO B 170 0.89 12.81 17.89
CA PRO B 170 -0.33 12.84 18.71
C PRO B 170 -0.17 13.40 20.13
N ARG B 171 1.06 13.50 20.61
CA ARG B 171 1.32 13.88 22.01
C ARG B 171 1.96 15.25 22.18
N THR B 172 2.88 15.62 21.28
CA THR B 172 3.66 16.85 21.40
C THR B 172 3.16 17.94 20.44
N ARG B 173 3.22 19.19 20.87
CA ARG B 173 2.85 20.31 20.00
C ARG B 173 3.94 20.52 18.96
N GLY B 174 3.55 20.95 17.76
CA GLY B 174 4.48 21.07 16.63
C GLY B 174 4.75 22.51 16.20
N LEU B 175 5.77 22.69 15.37
CA LEU B 175 6.12 23.99 14.79
C LEU B 175 6.09 23.94 13.27
N LEU B 176 5.22 24.74 12.65
CA LEU B 176 5.18 24.87 11.21
C LEU B 176 5.99 26.08 10.80
N SER B 177 7.15 25.85 10.19
CA SER B 177 8.08 26.93 9.84
C SER B 177 8.38 26.95 8.34
N GLY B 178 8.52 28.16 7.80
CA GLY B 178 8.81 28.34 6.38
C GLY B 178 8.88 29.80 5.98
N TRP B 179 8.98 30.03 4.67
CA TRP B 179 9.14 31.38 4.14
C TRP B 179 7.79 31.98 3.78
N ALA B 180 7.63 33.28 4.00
CA ALA B 180 6.40 33.99 3.69
C ALA B 180 6.07 33.86 2.21
N ARG B 181 4.84 33.47 1.90
CA ARG B 181 4.44 33.17 0.52
C ARG B 181 4.42 34.41 -0.38
N ASN B 182 4.16 35.58 0.19
CA ASN B 182 4.20 36.83 -0.58
C ASN B 182 4.46 38.08 0.28
N LEU B 190 12.05 33.80 7.58
CA LEU B 190 11.42 32.61 8.14
C LEU B 190 10.29 33.01 9.11
N THR B 191 9.11 32.40 8.93
CA THR B 191 7.96 32.64 9.80
C THR B 191 7.46 31.31 10.37
N THR B 192 7.43 31.23 11.70
CA THR B 192 7.15 29.99 12.42
C THR B 192 5.92 30.15 13.32
N ARG B 193 5.06 29.13 13.33
CA ARG B 193 3.87 29.10 14.19
C ARG B 193 3.63 27.71 14.76
N PRO B 194 3.16 27.63 16.01
CA PRO B 194 2.77 26.33 16.56
C PRO B 194 1.59 25.70 15.84
N VAL B 195 1.56 24.37 15.81
CA VAL B 195 0.44 23.63 15.24
C VAL B 195 0.18 22.35 16.04
N THR B 196 -1.05 21.83 15.92
CA THR B 196 -1.48 20.66 16.66
C THR B 196 -2.27 19.72 15.74
N LEU B 197 -2.35 18.44 16.12
CA LEU B 197 -2.94 17.42 15.26
C LEU B 197 -4.47 17.49 15.25
N VAL B 198 -5.04 17.29 14.05
CA VAL B 198 -6.47 17.10 13.87
C VAL B 198 -6.66 15.78 13.11
N GLU B 199 -7.60 14.94 13.54
CA GLU B 199 -7.81 13.63 12.92
C GLU B 199 -8.48 13.75 11.56
N GLY B 200 -8.27 12.74 10.72
CA GLY B 200 -8.65 12.77 9.32
C GLY B 200 -10.12 12.99 9.02
N GLU B 201 -10.99 12.42 9.85
CA GLU B 201 -12.43 12.52 9.64
C GLU B 201 -12.86 13.98 9.69
N GLU B 202 -12.46 14.68 10.75
CA GLU B 202 -12.77 16.10 10.92
C GLU B 202 -12.10 16.96 9.85
N CYS B 203 -10.81 16.75 9.66
CA CYS B 203 -10.04 17.57 8.73
C CYS B 203 -10.55 17.45 7.31
N GLY B 204 -10.88 16.23 6.90
CA GLY B 204 -11.48 16.00 5.59
C GLY B 204 -12.70 16.86 5.35
N GLN B 205 -13.56 16.97 6.36
CA GLN B 205 -14.80 17.75 6.22
C GLN B 205 -14.55 19.26 6.25
N VAL B 206 -13.58 19.69 7.04
CA VAL B 206 -13.20 21.11 7.08
C VAL B 206 -12.60 21.53 5.74
N LEU B 207 -11.67 20.73 5.22
CA LEU B 207 -11.00 21.02 3.95
C LEU B 207 -11.75 20.48 2.72
N ASN B 208 -12.84 19.75 2.95
CA ASN B 208 -13.65 19.16 1.86
C ASN B 208 -12.82 18.24 0.95
N VAL B 209 -11.99 17.40 1.57
CA VAL B 209 -11.16 16.44 0.85
C VAL B 209 -11.15 15.13 1.61
N THR B 210 -10.54 14.11 1.00
CA THR B 210 -10.34 12.83 1.65
C THR B 210 -8.86 12.73 2.01
N VAL B 211 -8.57 12.70 3.30
CA VAL B 211 -7.20 12.63 3.79
C VAL B 211 -6.69 11.20 3.61
N THR B 212 -5.54 11.07 2.96
CA THR B 212 -4.96 9.76 2.71
C THR B 212 -4.05 9.34 3.86
N THR B 213 -3.62 8.08 3.83
CA THR B 213 -2.73 7.53 4.85
C THR B 213 -1.32 8.13 4.84
N ARG B 214 -0.94 8.80 3.76
CA ARG B 214 0.39 9.43 3.64
C ARG B 214 0.33 10.96 3.72
N THR B 215 -0.80 11.47 4.20
CA THR B 215 -0.94 12.87 4.56
C THR B 215 -1.65 12.92 5.89
N TYR B 216 -1.62 14.08 6.52
CA TYR B 216 -2.40 14.32 7.74
C TYR B 216 -2.51 15.81 7.98
N CYS B 217 -3.30 16.21 8.98
CA CYS B 217 -3.64 17.61 9.18
C CYS B 217 -3.14 18.19 10.48
N GLU B 218 -2.84 19.49 10.42
CA GLU B 218 -2.43 20.27 11.57
C GLU B 218 -3.39 21.45 11.70
N ARG B 219 -3.85 21.74 12.90
CA ARG B 219 -4.63 22.95 13.15
C ARG B 219 -3.67 24.12 13.25
N SER B 220 -4.03 25.24 12.62
CA SER B 220 -3.19 26.42 12.56
C SER B 220 -3.98 27.68 12.89
N SER B 221 -3.37 28.62 13.60
CA SER B 221 -4.03 29.91 13.91
C SER B 221 -3.95 30.91 12.75
N VAL B 222 -3.37 30.49 11.63
CA VAL B 222 -3.25 31.31 10.44
C VAL B 222 -3.51 30.46 9.19
N ALA B 223 -3.95 31.09 8.11
CA ALA B 223 -4.23 30.40 6.85
C ALA B 223 -2.96 29.74 6.28
N ALA B 224 -3.16 28.68 5.51
CA ALA B 224 -2.06 27.89 4.92
C ALA B 224 -1.25 28.67 3.89
N MET B 225 -1.91 29.60 3.19
CA MET B 225 -1.25 30.44 2.19
C MET B 225 -0.19 31.37 2.78
N HIS B 226 -0.17 31.52 4.10
CA HIS B 226 0.89 32.25 4.79
C HIS B 226 2.28 31.68 4.46
N TRP B 227 2.34 30.36 4.28
CA TRP B 227 3.61 29.68 4.00
C TRP B 227 3.77 29.33 2.53
N MET B 228 5.02 29.27 2.10
CA MET B 228 5.39 28.84 0.75
C MET B 228 5.30 27.31 0.66
N ASP B 229 5.07 26.80 -0.54
CA ASP B 229 5.18 25.37 -0.78
C ASP B 229 6.59 24.94 -0.41
N GLY B 230 6.71 23.79 0.27
CA GLY B 230 8.01 23.30 0.70
C GLY B 230 8.36 23.65 2.14
N SER B 231 7.45 24.33 2.83
CA SER B 231 7.58 24.58 4.26
C SER B 231 7.36 23.27 5.03
N VAL B 232 7.76 23.24 6.30
CA VAL B 232 7.75 21.99 7.08
C VAL B 232 7.23 22.14 8.50
N VAL B 233 6.66 21.04 9.01
CA VAL B 233 6.29 20.92 10.42
C VAL B 233 7.35 20.08 11.12
N THR B 234 7.81 20.56 12.27
CA THR B 234 8.80 19.85 13.08
C THR B 234 8.33 19.70 14.54
N ARG B 235 8.91 18.72 15.23
CA ARG B 235 8.59 18.45 16.63
C ARG B 235 9.84 18.09 17.40
N GLU B 236 9.99 18.68 18.59
CA GLU B 236 11.13 18.43 19.46
C GLU B 236 10.87 17.22 20.34
N HIS B 237 11.94 16.52 20.69
CA HIS B 237 11.84 15.36 21.56
C HIS B 237 13.21 15.06 22.18
N ARG B 238 13.29 15.19 23.51
CA ARG B 238 14.52 14.94 24.25
C ARG B 238 15.72 15.64 23.60
N GLY B 239 15.54 16.94 23.33
CA GLY B 239 16.61 17.78 22.81
C GLY B 239 16.99 17.61 21.35
N SER B 240 16.05 17.13 20.53
CA SER B 240 16.29 16.99 19.09
C SER B 240 15.02 17.23 18.28
N TRP B 241 15.17 17.90 17.14
CA TRP B 241 14.04 18.29 16.31
C TRP B 241 13.83 17.31 15.15
N PHE B 242 12.60 16.79 15.03
CA PHE B 242 12.26 15.79 14.01
C PHE B 242 11.26 16.37 13.01
N LEU B 243 11.48 16.04 11.73
CA LEU B 243 10.58 16.42 10.65
C LEU B 243 9.40 15.46 10.64
N THR B 244 8.19 15.99 10.70
CA THR B 244 6.98 15.15 10.65
C THR B 244 6.05 15.47 9.47
N GLY B 245 6.20 16.65 8.85
CA GLY B 245 5.33 17.05 7.74
C GLY B 245 5.98 17.97 6.71
N VAL B 246 5.55 17.85 5.45
CA VAL B 246 5.96 18.78 4.39
C VAL B 246 4.71 19.41 3.80
N LEU B 247 4.75 20.74 3.62
CA LEU B 247 3.60 21.49 3.14
C LEU B 247 3.65 21.61 1.62
N GLY B 248 2.59 21.13 0.96
CA GLY B 248 2.47 21.23 -0.49
C GLY B 248 1.13 21.82 -0.87
N SER B 249 0.55 21.31 -1.96
CA SER B 249 -0.69 21.86 -2.52
C SER B 249 -1.83 21.84 -1.51
N GLN B 250 -2.33 23.02 -1.18
CA GLN B 250 -3.41 23.14 -0.20
C GLN B 250 -4.77 23.21 -0.88
N PRO B 251 -5.78 22.57 -0.27
CA PRO B 251 -7.13 22.65 -0.79
C PRO B 251 -7.78 24.00 -0.46
N VAL B 252 -8.98 24.21 -1.02
CA VAL B 252 -9.77 25.43 -0.85
C VAL B 252 -8.93 26.72 -0.82
N GLY B 253 -7.96 26.80 -1.72
CA GLY B 253 -7.13 28.01 -1.89
C GLY B 253 -6.04 28.25 -0.85
N GLY B 254 -5.93 27.36 0.13
CA GLY B 254 -4.98 27.53 1.23
C GLY B 254 -5.34 28.66 2.18
N GLN B 255 -6.64 28.97 2.27
CA GLN B 255 -7.12 30.02 3.18
C GLN B 255 -7.68 29.44 4.48
N ALA B 256 -7.88 28.12 4.52
CA ALA B 256 -8.39 27.44 5.71
C ALA B 256 -7.35 27.44 6.83
N HIS B 257 -7.83 27.45 8.07
CA HIS B 257 -6.96 27.45 9.26
C HIS B 257 -6.43 26.05 9.65
N MET B 258 -6.68 25.06 8.80
CA MET B 258 -6.01 23.77 8.92
C MET B 258 -5.01 23.62 7.78
N VAL B 259 -3.97 22.83 8.01
CA VAL B 259 -2.92 22.60 7.04
C VAL B 259 -2.83 21.12 6.72
N LEU B 260 -2.86 20.77 5.44
CA LEU B 260 -2.64 19.40 4.98
C LEU B 260 -1.16 19.23 4.65
N VAL B 261 -0.48 18.37 5.40
CA VAL B 261 0.95 18.11 5.17
C VAL B 261 1.22 16.66 4.79
N THR B 262 2.32 16.44 4.07
CA THR B 262 2.72 15.09 3.68
C THR B 262 3.36 14.38 4.87
N LYS B 263 2.94 13.15 5.11
CA LYS B 263 3.33 12.41 6.31
C LYS B 263 4.70 11.78 6.11
N VAL B 264 5.74 12.51 6.52
CA VAL B 264 7.14 12.13 6.28
C VAL B 264 7.50 10.76 6.85
N SER B 265 6.88 10.39 7.97
CA SER B 265 7.15 9.11 8.62
C SER B 265 6.95 7.90 7.69
N ARG B 266 6.18 8.07 6.61
CA ARG B 266 5.90 6.98 5.70
C ARG B 266 6.91 6.81 4.57
N TYR B 267 7.96 7.63 4.55
CA TYR B 267 8.91 7.63 3.43
C TYR B 267 10.34 7.25 3.83
N SER B 268 10.49 6.56 4.95
CA SER B 268 11.82 6.22 5.47
C SER B 268 12.62 5.30 4.55
N LEU B 269 11.94 4.33 3.92
CA LEU B 269 12.60 3.40 3.00
C LEU B 269 13.06 4.09 1.72
N TRP B 270 12.24 5.01 1.21
CA TRP B 270 12.57 5.78 0.02
C TRP B 270 13.80 6.65 0.26
N PHE B 271 13.85 7.31 1.42
CA PHE B 271 15.01 8.09 1.83
C PHE B 271 16.29 7.26 1.76
N LYS B 272 16.26 6.06 2.34
CA LYS B 272 17.43 5.17 2.34
C LYS B 272 17.80 4.73 0.93
N GLN B 273 16.83 4.21 0.19
CA GLN B 273 17.07 3.74 -1.19
C GLN B 273 17.71 4.80 -2.08
N ILE B 274 17.24 6.05 -1.98
CA ILE B 274 17.79 7.14 -2.78
C ILE B 274 19.12 7.62 -2.21
N MET B 275 19.12 8.04 -0.95
CA MET B 275 20.27 8.77 -0.38
C MET B 275 21.50 7.91 -0.05
N ASN B 276 21.36 6.59 -0.08
CA ASN B 276 22.52 5.69 0.03
C ASN B 276 23.07 5.27 -1.34
N ALA B 277 22.55 5.90 -2.39
CA ALA B 277 22.99 5.65 -3.78
C ALA B 277 22.66 4.23 -4.22
#